data_8XHA
#
_entry.id   8XHA
#
_cell.length_a   117.369
_cell.length_b   117.369
_cell.length_c   145.106
_cell.angle_alpha   90.00
_cell.angle_beta   90.00
_cell.angle_gamma   120.00
#
_symmetry.space_group_name_H-M   'P 32 2 1'
#
loop_
_entity.id
_entity.type
_entity.pdbx_description
1 polymer '8-amino-7-oxononanoate synthase'
2 non-polymer 'N-({3-hydroxy-2-methyl-5-[(phosphonooxy)methyl]pyridin-4-yl}methyl)-L-glutamic acid'
3 non-polymer "PYRIDOXAL-5'-PHOSPHATE"
4 water water
#
_entity_poly.entity_id   1
_entity_poly.type   'polypeptide(L)'
_entity_poly.pdbx_seq_one_letter_code
;PRGSHMVKKLRHLSDGYWDSAARLGVHGAVLQAVPGGRLSAPDGRVAVNMSSYSYLGLDESPRIIDAAIAALRSNMVLNS
SLSRVRMTLPLLEEAECALGDLFGADVATLNSCSAAAWATLPVLASGLLTDGVAPVMVFDKRAHFCMASLKSLCADETRV
ETIRHNDVDALADICRKNKRVAYVCDSVYSTGGTLAPLEELFALQKEFGLFLYFDEAHSTSVIGDMGRGYVLDRMGAIND
STMLITSLNKGFGASGGAIVFGPRDDDRKRKIIQRSSGPLMWSQRLNTPALGAIIESAKLHRSEALPELQAKLHSNIALF
DGLVRAAGQGNSVPIRYLELGSEVDTLEASAYLFDNGFYVEPDFFPIVSRGAAGLRARIRSSMSTADIEQFAHVWHKLGV
D
;
_entity_poly.pdbx_strand_id   A,B
#
loop_
_chem_comp.id
_chem_comp.type
_chem_comp.name
_chem_comp.formula
PGU non-polymer 'N-({3-hydroxy-2-methyl-5-[(phosphonooxy)methyl]pyridin-4-yl}methyl)-L-glutamic acid' 'C13 H19 N2 O9 P'
PLP non-polymer PYRIDOXAL-5'-PHOSPHATE 'C8 H10 N O6 P'
#
# COMPACT_ATOMS: atom_id res chain seq x y z
N PRO A 1 27.07 10.34 5.09
CA PRO A 1 27.15 10.25 6.55
C PRO A 1 26.69 11.54 7.23
N ARG A 2 25.86 11.42 8.28
CA ARG A 2 25.44 12.62 9.03
C ARG A 2 26.70 13.28 9.60
N GLY A 3 26.63 14.56 9.93
CA GLY A 3 27.84 15.25 10.39
C GLY A 3 28.70 15.69 9.24
N SER A 4 28.36 15.28 8.01
CA SER A 4 29.10 15.79 6.84
C SER A 4 28.42 17.08 6.37
N HIS A 5 29.14 18.19 6.38
CA HIS A 5 28.58 19.46 5.89
C HIS A 5 28.09 19.24 4.45
N MET A 6 28.74 18.31 3.74
CA MET A 6 28.37 18.05 2.32
C MET A 6 26.94 17.50 2.28
N VAL A 7 26.62 16.56 3.18
CA VAL A 7 25.27 15.92 3.13
C VAL A 7 24.23 16.99 3.50
N LYS A 8 24.65 18.02 4.24
CA LYS A 8 23.72 19.11 4.58
C LYS A 8 23.72 20.10 3.41
N LYS A 9 24.88 20.30 2.79
CA LYS A 9 24.96 21.19 1.61
C LYS A 9 24.15 20.56 0.49
N LEU A 10 24.15 19.23 0.40
CA LEU A 10 23.40 18.51 -0.64
C LEU A 10 21.91 18.61 -0.36
N ARG A 11 21.53 18.62 0.91
CA ARG A 11 20.09 18.74 1.27
C ARG A 11 19.62 20.16 0.97
N HIS A 12 20.38 21.18 1.36
CA HIS A 12 20.00 22.54 1.01
C HIS A 12 19.91 22.69 -0.51
N LEU A 13 20.76 21.99 -1.25
CA LEU A 13 20.69 21.99 -2.70
C LEU A 13 19.40 21.33 -3.18
N SER A 14 19.12 20.12 -2.69
CA SER A 14 17.92 19.39 -3.10
C SER A 14 16.66 20.11 -2.70
N ASP A 15 16.59 20.61 -1.46
CA ASP A 15 15.44 21.40 -1.04
C ASP A 15 15.25 22.61 -1.94
N GLY A 16 16.34 23.15 -2.49
CA GLY A 16 16.20 24.26 -3.41
C GLY A 16 15.54 23.86 -4.72
N TYR A 17 15.88 22.67 -5.23
CA TYR A 17 15.28 22.21 -6.48
C TYR A 17 13.78 21.89 -6.29
N TRP A 18 13.42 21.26 -5.18
CA TRP A 18 12.00 20.97 -4.92
C TRP A 18 11.22 22.25 -4.72
N ASP A 19 11.83 23.25 -4.08
CA ASP A 19 11.16 24.52 -3.89
C ASP A 19 10.95 25.23 -5.23
N SER A 20 11.94 25.16 -6.11
CA SER A 20 11.80 25.75 -7.44
C SER A 20 10.70 25.06 -8.23
N ALA A 21 10.66 23.72 -8.19
CA ALA A 21 9.63 23.00 -8.91
C ALA A 21 8.23 23.46 -8.48
N ALA A 22 8.04 23.68 -7.17
CA ALA A 22 6.76 24.18 -6.70
C ALA A 22 6.52 25.61 -7.17
N ARG A 23 7.55 26.46 -7.04
CA ARG A 23 7.44 27.84 -7.48
C ARG A 23 7.15 27.94 -8.97
N LEU A 24 7.81 27.10 -9.77
CA LEU A 24 7.55 27.07 -11.21
C LEU A 24 6.22 26.43 -11.56
N GLY A 25 5.59 25.74 -10.60
CA GLY A 25 4.30 25.15 -10.87
C GLY A 25 4.34 23.82 -11.58
N VAL A 26 5.52 23.22 -11.74
CA VAL A 26 5.63 21.87 -12.37
C VAL A 26 5.38 20.83 -11.29
N HIS A 27 5.42 21.24 -10.03
CA HIS A 27 5.09 20.34 -8.90
C HIS A 27 4.06 21.03 -8.02
N GLY A 28 3.13 20.28 -7.43
CA GLY A 28 2.16 20.86 -6.47
C GLY A 28 0.92 21.42 -7.13
N ALA A 29 0.69 21.08 -8.39
CA ALA A 29 -0.45 21.68 -9.11
C ALA A 29 -1.72 20.87 -8.86
N VAL A 30 -2.84 21.57 -8.68
CA VAL A 30 -4.15 20.86 -8.57
C VAL A 30 -4.77 20.97 -9.96
N LEU A 31 -5.01 19.83 -10.61
CA LEU A 31 -5.43 19.79 -12.00
C LEU A 31 -6.50 18.72 -12.17
N GLN A 32 -7.52 19.02 -12.96
CA GLN A 32 -8.59 18.07 -13.25
C GLN A 32 -8.24 17.23 -14.48
N ALA A 33 -8.63 15.96 -14.44
CA ALA A 33 -8.50 15.12 -15.62
C ALA A 33 -9.54 15.48 -16.67
N VAL A 34 -9.07 15.62 -17.91
CA VAL A 34 -9.84 16.16 -19.03
C VAL A 34 -9.66 15.15 -20.16
N PRO A 35 -10.67 14.91 -21.01
CA PRO A 35 -10.54 13.87 -22.04
C PRO A 35 -9.33 14.04 -22.95
N GLY A 36 -8.87 12.91 -23.48
CA GLY A 36 -7.69 12.93 -24.33
C GLY A 36 -6.39 13.17 -23.60
N GLY A 37 -6.22 12.62 -22.39
CA GLY A 37 -4.94 12.68 -21.71
C GLY A 37 -4.54 14.09 -21.39
N ARG A 38 -5.50 14.90 -20.98
CA ARG A 38 -5.26 16.31 -20.77
C ARG A 38 -5.55 16.68 -19.32
N LEU A 39 -5.08 17.86 -18.92
CA LEU A 39 -5.12 18.36 -17.57
C LEU A 39 -5.54 19.81 -17.60
N SER A 40 -6.50 20.18 -16.75
CA SER A 40 -7.08 21.52 -16.73
C SER A 40 -6.77 22.20 -15.40
N ALA A 41 -6.31 23.43 -15.48
CA ALA A 41 -6.07 24.26 -14.31
C ALA A 41 -7.31 25.10 -14.03
N PRO A 42 -7.43 25.67 -12.82
CA PRO A 42 -8.65 26.45 -12.51
C PRO A 42 -8.87 27.62 -13.45
N ASP A 43 -7.82 28.21 -14.03
CA ASP A 43 -8.01 29.31 -14.98
C ASP A 43 -8.51 28.85 -16.34
N GLY A 44 -8.78 27.55 -16.52
CA GLY A 44 -9.31 27.05 -17.78
C GLY A 44 -8.27 26.68 -18.80
N ARG A 45 -6.98 26.97 -18.55
CA ARG A 45 -5.91 26.53 -19.43
C ARG A 45 -5.69 25.03 -19.30
N VAL A 46 -5.44 24.38 -20.43
CA VAL A 46 -5.32 22.90 -20.45
C VAL A 46 -3.97 22.49 -21.06
N ALA A 47 -3.41 21.38 -20.58
CA ALA A 47 -2.14 20.88 -21.10
C ALA A 47 -2.26 19.39 -21.42
N VAL A 48 -1.53 18.94 -22.43
CA VAL A 48 -1.48 17.49 -22.74
C VAL A 48 -0.48 16.87 -21.77
N ASN A 49 -0.84 15.75 -21.16
CA ASN A 49 0.06 15.05 -20.21
C ASN A 49 0.96 14.11 -21.02
N MET A 50 2.21 14.51 -21.19
CA MET A 50 3.17 13.67 -21.93
C MET A 50 3.82 12.67 -20.95
N SER A 51 3.41 12.70 -19.68
CA SER A 51 4.01 11.82 -18.69
C SER A 51 3.02 10.85 -18.07
N SER A 52 1.78 10.78 -18.55
CA SER A 52 0.78 9.82 -18.01
C SER A 52 1.28 8.38 -18.12
N TYR A 53 0.99 7.55 -17.11
CA TYR A 53 1.40 6.13 -17.13
C TYR A 53 0.24 5.23 -17.60
N SER A 54 -0.88 5.82 -18.02
CA SER A 54 -1.96 4.99 -18.62
C SER A 54 -1.54 4.76 -20.07
N TYR A 55 -0.57 3.88 -20.26
CA TYR A 55 0.05 3.66 -21.61
C TYR A 55 -0.96 3.26 -22.69
N LEU A 56 -2.04 2.57 -22.32
CA LEU A 56 -3.05 2.22 -23.34
C LEU A 56 -4.26 3.14 -23.21
N GLY A 57 -4.14 4.24 -22.48
CA GLY A 57 -5.27 5.15 -22.40
C GLY A 57 -6.47 4.59 -21.66
N LEU A 58 -6.31 3.47 -20.94
CA LEU A 58 -7.45 2.85 -20.27
C LEU A 58 -7.95 3.63 -19.08
N ASP A 59 -7.21 4.64 -18.59
CA ASP A 59 -7.75 5.53 -17.57
C ASP A 59 -9.03 6.22 -18.02
N GLU A 60 -9.30 6.31 -19.34
CA GLU A 60 -10.50 6.94 -19.86
C GLU A 60 -11.48 5.94 -20.46
N SER A 61 -11.27 4.65 -20.27
CA SER A 61 -12.19 3.62 -20.76
C SER A 61 -13.55 3.71 -20.09
N PRO A 62 -14.63 4.05 -20.81
CA PRO A 62 -15.96 4.03 -20.17
C PRO A 62 -16.37 2.63 -19.72
N ARG A 63 -15.94 1.58 -20.42
CA ARG A 63 -16.24 0.22 -19.98
C ARG A 63 -15.65 -0.08 -18.60
N ILE A 64 -14.39 0.32 -18.35
CA ILE A 64 -13.80 0.03 -17.04
C ILE A 64 -14.47 0.85 -15.94
N ILE A 65 -14.73 2.13 -16.21
CA ILE A 65 -15.39 2.98 -15.21
C ILE A 65 -16.75 2.42 -14.85
N ASP A 66 -17.54 2.07 -15.88
CA ASP A 66 -18.88 1.52 -15.66
C ASP A 66 -18.83 0.26 -14.82
N ALA A 67 -17.91 -0.66 -15.16
CA ALA A 67 -17.74 -1.88 -14.37
C ALA A 67 -17.40 -1.55 -12.91
N ALA A 68 -16.59 -0.51 -12.70
CA ALA A 68 -16.25 -0.13 -11.32
C ALA A 68 -17.46 0.40 -10.59
N ILE A 69 -18.29 1.20 -11.27
CA ILE A 69 -19.50 1.69 -10.64
C ILE A 69 -20.46 0.54 -10.36
N ALA A 70 -20.63 -0.38 -11.33
CA ALA A 70 -21.51 -1.52 -11.15
C ALA A 70 -21.07 -2.40 -9.97
N ALA A 71 -19.77 -2.64 -9.84
CA ALA A 71 -19.28 -3.45 -8.72
C ALA A 71 -19.68 -2.82 -7.39
N LEU A 72 -19.57 -1.50 -7.27
CA LEU A 72 -19.99 -0.84 -6.04
C LEU A 72 -21.49 -0.96 -5.82
N ARG A 73 -22.28 -0.89 -6.88
CA ARG A 73 -23.73 -0.95 -6.73
C ARG A 73 -24.18 -2.33 -6.29
N SER A 74 -23.68 -3.38 -6.95
CA SER A 74 -24.14 -4.73 -6.62
C SER A 74 -23.63 -5.17 -5.25
N ASN A 75 -22.32 -5.05 -5.00
CA ASN A 75 -21.79 -5.49 -3.71
C ASN A 75 -22.30 -4.65 -2.55
N MET A 76 -22.56 -3.37 -2.78
CA MET A 76 -23.09 -2.45 -1.77
C MET A 76 -22.15 -2.26 -0.58
N VAL A 77 -20.86 -2.55 -0.74
CA VAL A 77 -19.84 -2.25 0.26
C VAL A 77 -18.54 -1.89 -0.46
N LEU A 78 -17.78 -0.97 0.15
CA LEU A 78 -16.46 -0.66 -0.41
C LEU A 78 -15.51 -1.85 -0.33
N ASN A 79 -15.61 -2.69 0.70
CA ASN A 79 -14.76 -3.87 0.81
C ASN A 79 -15.32 -4.82 1.88
N SER A 80 -14.64 -5.96 2.06
CA SER A 80 -14.84 -6.80 3.23
C SER A 80 -14.15 -6.16 4.44
N SER A 81 -14.45 -6.70 5.63
CA SER A 81 -13.98 -6.14 6.89
C SER A 81 -13.24 -7.17 7.73
N LEU A 82 -12.44 -8.01 7.08
CA LEU A 82 -11.53 -8.95 7.72
C LEU A 82 -10.30 -9.10 6.84
N SER A 83 -9.20 -9.56 7.45
CA SER A 83 -8.04 -9.98 6.66
C SER A 83 -8.46 -11.01 5.62
N ARG A 84 -7.82 -10.94 4.45
CA ARG A 84 -8.11 -11.89 3.38
C ARG A 84 -7.78 -13.32 3.77
N VAL A 85 -6.97 -13.51 4.83
CA VAL A 85 -6.66 -14.86 5.28
C VAL A 85 -7.93 -15.55 5.81
N ARG A 86 -8.84 -14.78 6.42
CA ARG A 86 -10.08 -15.34 6.95
C ARG A 86 -11.05 -15.69 5.82
N MET A 87 -11.25 -14.77 4.88
CA MET A 87 -12.27 -14.90 3.83
C MET A 87 -12.10 -13.77 2.84
N THR A 88 -12.73 -13.92 1.68
CA THR A 88 -12.70 -12.89 0.65
C THR A 88 -14.07 -12.82 -0.04
N LEU A 89 -14.35 -11.65 -0.62
CA LEU A 89 -15.52 -11.51 -1.48
C LEU A 89 -15.39 -12.40 -2.71
N PRO A 90 -16.51 -12.87 -3.26
CA PRO A 90 -16.46 -13.51 -4.59
C PRO A 90 -15.85 -12.59 -5.64
N LEU A 91 -16.11 -11.29 -5.56
CA LEU A 91 -15.53 -10.35 -6.51
C LEU A 91 -14.01 -10.43 -6.51
N LEU A 92 -13.39 -10.55 -5.34
CA LEU A 92 -11.94 -10.63 -5.30
C LEU A 92 -11.45 -11.90 -5.97
N GLU A 93 -12.13 -13.04 -5.72
CA GLU A 93 -11.76 -14.27 -6.40
C GLU A 93 -11.93 -14.16 -7.90
N GLU A 94 -13.03 -13.55 -8.35
CA GLU A 94 -13.22 -13.35 -9.78
C GLU A 94 -12.09 -12.51 -10.36
N ALA A 95 -11.65 -11.47 -9.66
CA ALA A 95 -10.52 -10.67 -10.13
C ALA A 95 -9.25 -11.50 -10.24
N GLU A 96 -8.91 -12.23 -9.18
CA GLU A 96 -7.66 -12.99 -9.19
C GLU A 96 -7.73 -14.16 -10.17
N CYS A 97 -8.90 -14.79 -10.30
CA CYS A 97 -9.06 -15.79 -11.35
C CYS A 97 -8.90 -15.16 -12.73
N ALA A 98 -9.44 -13.95 -12.92
CA ALA A 98 -9.29 -13.25 -14.21
C ALA A 98 -7.82 -12.97 -14.53
N LEU A 99 -7.08 -12.36 -13.58
CA LEU A 99 -5.65 -12.13 -13.79
C LEU A 99 -4.91 -13.44 -14.03
N GLY A 100 -5.29 -14.49 -13.30
CA GLY A 100 -4.63 -15.78 -13.45
C GLY A 100 -4.79 -16.36 -14.85
N ASP A 101 -6.03 -16.34 -15.37
CA ASP A 101 -6.26 -16.77 -16.76
C ASP A 101 -5.47 -15.91 -17.74
N LEU A 102 -5.38 -14.61 -17.45
CA LEU A 102 -4.74 -13.69 -18.39
C LEU A 102 -3.23 -13.91 -18.46
N PHE A 103 -2.57 -13.93 -17.31
CA PHE A 103 -1.12 -14.15 -17.29
C PHE A 103 -0.75 -15.62 -17.46
N GLY A 104 -1.69 -16.55 -17.20
CA GLY A 104 -1.36 -17.96 -17.18
C GLY A 104 -0.44 -18.25 -16.02
N ALA A 105 -0.92 -17.97 -14.81
CA ALA A 105 -0.09 -18.01 -13.62
C ALA A 105 -0.99 -17.82 -12.40
N ASP A 106 -0.45 -18.17 -11.24
CA ASP A 106 -1.13 -17.85 -9.99
C ASP A 106 -0.88 -16.39 -9.66
N VAL A 107 -1.94 -15.65 -9.38
CA VAL A 107 -1.85 -14.21 -9.20
C VAL A 107 -2.69 -13.76 -8.01
N ALA A 108 -2.08 -13.00 -7.12
CA ALA A 108 -2.78 -12.33 -6.02
C ALA A 108 -2.77 -10.83 -6.26
N THR A 109 -3.87 -10.16 -5.90
CA THR A 109 -3.94 -8.71 -5.90
C THR A 109 -3.53 -8.18 -4.53
N LEU A 110 -3.00 -6.95 -4.53
CA LEU A 110 -2.74 -6.16 -3.33
C LEU A 110 -3.08 -4.70 -3.65
N ASN A 111 -3.00 -3.84 -2.64
CA ASN A 111 -3.41 -2.45 -2.86
C ASN A 111 -2.36 -1.64 -3.63
N SER A 112 -1.20 -2.22 -3.95
CA SER A 112 -0.16 -1.51 -4.69
C SER A 112 0.98 -2.46 -5.03
N CYS A 113 1.72 -2.11 -6.07
CA CYS A 113 2.94 -2.83 -6.37
C CYS A 113 3.96 -2.71 -5.24
N SER A 114 4.01 -1.57 -4.56
CA SER A 114 4.91 -1.43 -3.42
C SER A 114 4.63 -2.49 -2.36
N ALA A 115 3.35 -2.67 -2.03
CA ALA A 115 2.96 -3.72 -1.09
C ALA A 115 3.37 -5.09 -1.60
N ALA A 116 3.23 -5.32 -2.91
CA ALA A 116 3.68 -6.57 -3.49
C ALA A 116 5.17 -6.81 -3.24
N ALA A 117 5.99 -5.75 -3.35
CA ALA A 117 7.42 -5.91 -3.09
C ALA A 117 7.69 -6.23 -1.63
N TRP A 118 7.06 -5.48 -0.73
CA TRP A 118 7.19 -5.70 0.69
C TRP A 118 6.82 -7.11 1.09
N ALA A 119 5.78 -7.69 0.47
CA ALA A 119 5.28 -9.00 0.83
C ALA A 119 6.18 -10.14 0.38
N THR A 120 6.98 -9.92 -0.68
CA THR A 120 7.69 -10.99 -1.36
C THR A 120 9.21 -10.93 -1.21
N LEU A 121 9.81 -9.74 -1.22
CA LEU A 121 11.27 -9.69 -1.19
C LEU A 121 11.89 -10.32 0.04
N PRO A 122 11.49 -10.00 1.28
CA PRO A 122 12.10 -10.70 2.43
C PRO A 122 11.90 -12.22 2.37
N VAL A 123 10.76 -12.68 1.86
CA VAL A 123 10.50 -14.12 1.81
C VAL A 123 11.41 -14.79 0.79
N LEU A 124 11.60 -14.16 -0.36
CA LEU A 124 12.57 -14.70 -1.31
C LEU A 124 13.96 -14.72 -0.69
N ALA A 125 14.31 -13.68 0.06
CA ALA A 125 15.61 -13.62 0.73
C ALA A 125 15.79 -14.72 1.76
N SER A 126 14.69 -15.16 2.40
CA SER A 126 14.79 -16.11 3.51
C SER A 126 15.16 -17.51 3.05
N GLY A 127 14.97 -17.83 1.77
CA GLY A 127 15.16 -19.18 1.27
C GLY A 127 13.87 -20.00 1.16
N LEU A 128 12.77 -19.54 1.76
CA LEU A 128 11.56 -20.36 1.75
C LEU A 128 11.00 -20.55 0.37
N LEU A 129 11.38 -19.70 -0.59
CA LEU A 129 10.93 -19.84 -1.96
C LEU A 129 11.90 -20.65 -2.82
N THR A 130 13.11 -20.91 -2.33
CA THR A 130 14.10 -21.59 -3.14
C THR A 130 14.61 -22.83 -2.42
N ASP A 131 13.68 -23.72 -2.04
CA ASP A 131 14.00 -25.05 -1.52
C ASP A 131 14.80 -24.97 -0.22
N GLY A 132 14.49 -23.98 0.61
CA GLY A 132 15.14 -23.85 1.89
C GLY A 132 16.52 -23.24 1.87
N VAL A 133 17.03 -22.86 0.69
CA VAL A 133 18.38 -22.32 0.52
C VAL A 133 18.27 -20.82 0.30
N ALA A 134 18.69 -20.03 1.29
CA ALA A 134 18.68 -18.58 1.13
C ALA A 134 19.54 -18.16 -0.05
N PRO A 135 18.99 -17.47 -1.04
CA PRO A 135 19.80 -17.05 -2.18
C PRO A 135 20.60 -15.79 -1.86
N VAL A 136 21.63 -15.57 -2.67
CA VAL A 136 22.28 -14.27 -2.71
C VAL A 136 21.33 -13.33 -3.44
N MET A 137 20.94 -12.26 -2.77
CA MET A 137 19.99 -11.30 -3.31
C MET A 137 20.75 -10.21 -4.07
N VAL A 138 20.66 -10.25 -5.41
CA VAL A 138 21.40 -9.34 -6.27
C VAL A 138 20.44 -8.30 -6.83
N PHE A 139 20.61 -7.07 -6.37
CA PHE A 139 19.74 -5.96 -6.85
C PHE A 139 20.44 -5.16 -7.93
N ASP A 140 19.74 -4.87 -9.02
CA ASP A 140 20.30 -3.95 -10.05
C ASP A 140 20.29 -2.56 -9.45
N LYS A 141 21.31 -1.75 -9.78
CA LYS A 141 21.42 -0.40 -9.18
C LYS A 141 20.19 0.43 -9.50
N ARG A 142 19.53 0.17 -10.62
CA ARG A 142 18.39 1.04 -11.01
C ARG A 142 17.05 0.41 -10.66
N ALA A 143 17.03 -0.73 -9.97
CA ALA A 143 15.74 -1.29 -9.56
C ALA A 143 14.93 -0.24 -8.81
N HIS A 144 13.63 -0.21 -9.05
CA HIS A 144 12.81 0.82 -8.44
C HIS A 144 12.95 0.78 -6.93
N PHE A 145 12.81 1.95 -6.31
CA PHE A 145 13.10 2.06 -4.89
C PHE A 145 12.04 1.39 -4.02
N CYS A 146 10.87 1.04 -4.57
CA CYS A 146 9.98 0.21 -3.76
C CYS A 146 10.63 -1.13 -3.45
N MET A 147 11.45 -1.66 -4.36
CA MET A 147 12.25 -2.85 -4.04
C MET A 147 13.51 -2.49 -3.27
N ALA A 148 14.24 -1.48 -3.73
CA ALA A 148 15.58 -1.20 -3.21
C ALA A 148 15.54 -0.65 -1.79
N SER A 149 14.48 0.06 -1.41
CA SER A 149 14.40 0.54 -0.03
C SER A 149 14.27 -0.60 0.98
N LEU A 150 14.05 -1.84 0.54
CA LEU A 150 13.89 -2.97 1.42
C LEU A 150 15.14 -3.85 1.49
N LYS A 151 16.28 -3.39 0.97
CA LYS A 151 17.49 -4.22 1.01
C LYS A 151 17.83 -4.61 2.44
N SER A 152 17.61 -3.72 3.39
CA SER A 152 17.92 -4.07 4.77
C SER A 152 17.10 -5.27 5.24
N LEU A 153 15.80 -5.31 4.89
CA LEU A 153 15.01 -6.47 5.27
C LEU A 153 15.62 -7.74 4.69
N CYS A 154 16.08 -7.67 3.44
CA CYS A 154 16.70 -8.83 2.82
C CYS A 154 18.04 -9.16 3.45
N ALA A 155 18.82 -8.14 3.81
CA ALA A 155 20.15 -8.38 4.35
C ALA A 155 20.09 -9.13 5.67
N ASP A 156 19.02 -8.90 6.46
CA ASP A 156 18.81 -9.68 7.67
C ASP A 156 18.64 -11.16 7.39
N GLU A 157 18.24 -11.52 6.18
CA GLU A 157 18.02 -12.91 5.84
C GLU A 157 19.21 -13.57 5.16
N THR A 158 20.02 -12.82 4.42
CA THR A 158 20.99 -13.40 3.51
C THR A 158 21.94 -12.32 3.02
N ARG A 159 22.75 -12.64 2.02
CA ARG A 159 23.71 -11.68 1.48
C ARG A 159 23.04 -10.88 0.39
N VAL A 160 23.18 -9.55 0.45
CA VAL A 160 22.61 -8.64 -0.52
C VAL A 160 23.76 -8.01 -1.30
N GLU A 161 23.68 -8.08 -2.62
CA GLU A 161 24.63 -7.40 -3.49
C GLU A 161 23.90 -6.44 -4.42
N THR A 162 24.56 -5.33 -4.73
CA THR A 162 24.10 -4.40 -5.75
C THR A 162 25.12 -4.37 -6.88
N ILE A 163 24.68 -4.66 -8.10
CA ILE A 163 25.56 -4.60 -9.25
C ILE A 163 25.23 -3.38 -10.09
N ARG A 164 26.21 -2.96 -10.88
CA ARG A 164 26.02 -1.85 -11.79
C ARG A 164 24.88 -2.15 -12.75
N HIS A 165 24.27 -1.10 -13.29
CA HIS A 165 23.06 -1.26 -14.08
C HIS A 165 23.29 -2.21 -15.26
N ASN A 166 22.48 -3.27 -15.34
CA ASN A 166 22.52 -4.27 -16.41
C ASN A 166 23.86 -4.98 -16.54
N ASP A 167 24.64 -5.09 -15.45
CA ASP A 167 25.97 -5.68 -15.51
C ASP A 167 25.85 -7.20 -15.45
N VAL A 168 25.51 -7.80 -16.59
CA VAL A 168 25.30 -9.24 -16.65
C VAL A 168 26.59 -10.00 -16.41
N ASP A 169 27.74 -9.41 -16.76
CA ASP A 169 29.02 -10.04 -16.43
C ASP A 169 29.16 -10.22 -14.92
N ALA A 170 28.92 -9.15 -14.16
CA ALA A 170 29.05 -9.24 -12.71
C ALA A 170 28.03 -10.20 -12.12
N LEU A 171 26.85 -10.30 -12.72
CA LEU A 171 25.83 -11.20 -12.20
C LEU A 171 26.20 -12.65 -12.46
N ALA A 172 26.81 -12.94 -13.62
CA ALA A 172 27.24 -14.31 -13.91
C ALA A 172 28.34 -14.75 -12.96
N ASP A 173 29.29 -13.87 -12.67
CA ASP A 173 30.33 -14.17 -11.70
C ASP A 173 29.72 -14.60 -10.36
N ILE A 174 28.76 -13.82 -9.86
CA ILE A 174 28.07 -14.16 -8.62
C ILE A 174 27.39 -15.53 -8.73
N CYS A 175 26.84 -15.85 -9.90
CA CYS A 175 26.20 -17.16 -10.08
C CYS A 175 27.21 -18.29 -10.01
N ARG A 176 28.45 -18.07 -10.46
CA ARG A 176 29.48 -19.11 -10.41
C ARG A 176 29.93 -19.37 -8.98
N LYS A 177 30.15 -18.30 -8.21
CA LYS A 177 30.72 -18.40 -6.87
C LYS A 177 29.69 -18.70 -5.78
N ASN A 178 28.43 -18.95 -6.13
CA ASN A 178 27.42 -19.15 -5.10
C ASN A 178 26.45 -20.25 -5.54
N LYS A 179 25.85 -20.90 -4.54
CA LYS A 179 24.97 -22.03 -4.80
C LYS A 179 23.65 -21.56 -5.41
N ARG A 180 23.01 -20.58 -4.79
CA ARG A 180 21.72 -20.07 -5.24
C ARG A 180 21.73 -18.55 -5.27
N VAL A 181 21.33 -17.98 -6.40
CA VAL A 181 21.33 -16.53 -6.60
C VAL A 181 19.96 -16.08 -7.06
N ALA A 182 19.57 -14.88 -6.65
CA ALA A 182 18.36 -14.22 -7.16
C ALA A 182 18.72 -12.83 -7.67
N TYR A 183 18.10 -12.42 -8.78
CA TYR A 183 18.32 -11.11 -9.38
C TYR A 183 17.03 -10.31 -9.34
N VAL A 184 17.09 -9.14 -8.69
CA VAL A 184 15.90 -8.26 -8.54
C VAL A 184 16.08 -7.08 -9.48
N CYS A 185 15.14 -6.92 -10.41
CA CYS A 185 15.32 -5.88 -11.45
C CYS A 185 13.98 -5.40 -11.96
N ASP A 186 13.99 -4.37 -12.79
CA ASP A 186 12.75 -3.91 -13.44
C ASP A 186 12.78 -4.44 -14.87
N SER A 187 11.68 -4.98 -15.35
CA SER A 187 11.61 -5.44 -16.76
C SER A 187 11.80 -4.22 -17.65
N VAL A 188 11.01 -3.19 -17.42
CA VAL A 188 11.17 -1.90 -18.16
C VAL A 188 11.48 -0.87 -17.09
N TYR A 189 12.60 -0.17 -17.22
CA TYR A 189 13.01 0.76 -16.14
C TYR A 189 12.06 1.98 -16.07
N SER A 190 11.67 2.36 -14.86
CA SER A 190 10.71 3.47 -14.64
C SER A 190 11.15 4.74 -15.37
N THR A 191 12.45 4.98 -15.46
CA THR A 191 12.99 6.15 -16.20
C THR A 191 14.33 5.73 -16.81
N GLY A 192 14.95 6.60 -17.60
CA GLY A 192 16.29 6.29 -18.15
C GLY A 192 16.25 5.58 -19.48
N GLY A 193 15.07 5.12 -19.90
CA GLY A 193 14.93 4.46 -21.22
C GLY A 193 15.81 3.24 -21.41
N THR A 194 15.83 2.33 -20.44
CA THR A 194 16.61 1.07 -20.56
C THR A 194 15.71 -0.11 -20.24
N LEU A 195 16.04 -1.29 -20.78
CA LEU A 195 15.24 -2.51 -20.50
C LEU A 195 16.13 -3.55 -19.82
N ALA A 196 15.52 -4.62 -19.33
CA ALA A 196 16.29 -5.70 -18.68
C ALA A 196 16.89 -6.62 -19.76
N PRO A 197 18.11 -7.13 -19.56
CA PRO A 197 18.75 -8.03 -20.52
C PRO A 197 18.17 -9.44 -20.45
N LEU A 198 16.99 -9.65 -21.02
CA LEU A 198 16.28 -10.95 -20.88
C LEU A 198 17.08 -12.12 -21.45
N GLU A 199 17.63 -11.99 -22.66
CA GLU A 199 18.31 -13.16 -23.29
C GLU A 199 19.42 -13.66 -22.37
N GLU A 200 20.27 -12.76 -21.91
CA GLU A 200 21.38 -13.14 -21.02
C GLU A 200 20.82 -13.69 -19.70
N LEU A 201 19.81 -13.03 -19.14
CA LEU A 201 19.23 -13.46 -17.84
C LEU A 201 18.64 -14.86 -17.97
N PHE A 202 17.91 -15.10 -19.05
CA PHE A 202 17.25 -16.43 -19.22
C PHE A 202 18.33 -17.51 -19.34
N ALA A 203 19.44 -17.20 -20.01
CA ALA A 203 20.53 -18.17 -20.17
C ALA A 203 21.15 -18.49 -18.81
N LEU A 204 21.43 -17.45 -18.03
CA LEU A 204 22.02 -17.65 -16.69
C LEU A 204 21.06 -18.50 -15.84
N GLN A 205 19.76 -18.32 -16.03
CA GLN A 205 18.75 -19.11 -15.27
C GLN A 205 18.84 -20.57 -15.68
N LYS A 206 19.01 -20.83 -16.97
CA LYS A 206 19.13 -22.22 -17.46
C LYS A 206 20.42 -22.84 -16.93
N GLU A 207 21.50 -22.06 -16.90
CA GLU A 207 22.81 -22.59 -16.47
C GLU A 207 22.89 -22.75 -14.95
N PHE A 208 22.46 -21.75 -14.18
CA PHE A 208 22.65 -21.82 -12.71
C PHE A 208 21.34 -21.82 -11.93
N GLY A 209 20.20 -21.94 -12.60
CA GLY A 209 18.90 -21.85 -11.89
C GLY A 209 18.72 -20.53 -11.17
N LEU A 210 19.23 -19.45 -11.76
CA LEU A 210 19.08 -18.11 -11.16
C LEU A 210 17.60 -17.78 -11.04
N PHE A 211 17.18 -17.29 -9.88
CA PHE A 211 15.77 -16.86 -9.69
C PHE A 211 15.64 -15.43 -10.19
N LEU A 212 14.66 -15.19 -11.05
CA LEU A 212 14.51 -13.83 -11.64
C LEU A 212 13.28 -13.15 -11.01
N TYR A 213 13.50 -12.01 -10.36
CA TYR A 213 12.41 -11.21 -9.75
C TYR A 213 12.25 -9.97 -10.60
N PHE A 214 11.09 -9.81 -11.23
CA PHE A 214 10.90 -8.69 -12.18
C PHE A 214 9.78 -7.75 -11.75
N ASP A 215 10.02 -6.44 -11.86
CA ASP A 215 8.95 -5.44 -11.62
C ASP A 215 8.41 -5.09 -13.01
N GLU A 216 7.18 -5.51 -13.32
CA GLU A 216 6.63 -5.34 -14.68
C GLU A 216 5.68 -4.14 -14.75
N ALA A 217 5.83 -3.17 -13.86
CA ALA A 217 4.88 -2.03 -13.80
C ALA A 217 4.79 -1.30 -15.14
N HIS A 218 5.91 -1.17 -15.83
CA HIS A 218 5.91 -0.45 -17.12
C HIS A 218 5.97 -1.46 -18.26
N SER A 219 5.64 -2.72 -18.00
CA SER A 219 5.61 -3.76 -19.06
C SER A 219 4.19 -4.29 -19.23
N THR A 220 3.44 -4.40 -18.13
CA THR A 220 2.07 -4.97 -18.18
C THR A 220 1.21 -4.17 -19.15
N SER A 221 0.46 -4.87 -20.02
CA SER A 221 -0.45 -4.22 -20.99
C SER A 221 0.31 -3.64 -22.19
N VAL A 222 1.48 -3.07 -21.94
CA VAL A 222 2.27 -2.39 -23.01
C VAL A 222 2.72 -3.39 -24.06
N ILE A 223 3.13 -4.58 -23.65
CA ILE A 223 3.71 -5.51 -24.66
C ILE A 223 3.28 -6.96 -24.48
N GLY A 224 3.14 -7.67 -25.59
CA GLY A 224 2.92 -9.10 -25.54
C GLY A 224 1.45 -9.48 -25.68
N ASP A 225 1.22 -10.74 -26.03
CA ASP A 225 -0.13 -11.23 -26.21
C ASP A 225 -0.92 -11.04 -24.93
N MET A 226 -2.15 -10.53 -25.08
CA MET A 226 -3.04 -10.20 -23.98
C MET A 226 -2.39 -9.27 -22.96
N GLY A 227 -1.35 -8.52 -23.35
CA GLY A 227 -0.71 -7.62 -22.43
C GLY A 227 0.06 -8.29 -21.31
N ARG A 228 0.48 -9.55 -21.48
CA ARG A 228 1.15 -10.27 -20.40
C ARG A 228 2.52 -9.67 -20.07
N GLY A 229 3.08 -8.84 -20.92
CA GLY A 229 4.26 -8.08 -20.57
C GLY A 229 5.52 -8.58 -21.26
N TYR A 230 6.61 -7.87 -20.98
CA TYR A 230 7.88 -8.06 -21.66
C TYR A 230 8.51 -9.41 -21.33
N VAL A 231 8.51 -9.79 -20.04
CA VAL A 231 9.18 -11.02 -19.65
C VAL A 231 8.42 -12.24 -20.17
N LEU A 232 7.12 -12.28 -19.95
CA LEU A 232 6.32 -13.42 -20.40
C LEU A 232 6.16 -13.46 -21.91
N ASP A 233 6.25 -12.31 -22.59
CA ASP A 233 6.23 -12.35 -24.06
C ASP A 233 7.44 -13.11 -24.59
N ARG A 234 8.59 -12.96 -23.95
CA ARG A 234 9.80 -13.63 -24.40
C ARG A 234 10.01 -15.00 -23.73
N MET A 235 9.46 -15.22 -22.53
CA MET A 235 9.59 -16.50 -21.85
C MET A 235 8.53 -17.52 -22.27
N GLY A 236 7.35 -17.06 -22.71
CA GLY A 236 6.29 -18.00 -23.02
C GLY A 236 5.45 -18.34 -21.82
N ALA A 237 5.64 -19.53 -21.26
CA ALA A 237 4.99 -19.92 -20.02
C ALA A 237 5.95 -19.68 -18.85
N ILE A 238 5.39 -19.31 -17.70
CA ILE A 238 6.22 -18.95 -16.56
C ILE A 238 6.78 -20.20 -15.90
N ASN A 239 8.04 -20.16 -15.50
CA ASN A 239 8.63 -21.31 -14.83
C ASN A 239 8.60 -21.06 -13.32
N ASP A 240 9.13 -22.01 -12.55
CA ASP A 240 9.03 -21.89 -11.10
C ASP A 240 10.26 -21.24 -10.48
N SER A 241 11.10 -20.60 -11.28
CA SER A 241 12.18 -19.77 -10.76
C SER A 241 12.05 -18.32 -11.20
N THR A 242 10.83 -17.88 -11.52
CA THR A 242 10.58 -16.53 -11.97
C THR A 242 9.36 -15.97 -11.25
N MET A 243 9.52 -14.82 -10.60
CA MET A 243 8.36 -14.18 -9.94
C MET A 243 8.24 -12.76 -10.48
N LEU A 244 7.01 -12.30 -10.70
CA LEU A 244 6.79 -10.95 -11.23
C LEU A 244 5.93 -10.13 -10.26
N ILE A 245 6.26 -8.86 -10.09
CA ILE A 245 5.37 -7.95 -9.31
C ILE A 245 5.00 -6.85 -10.31
N THR A 246 3.79 -6.32 -10.22
CA THR A 246 3.43 -5.21 -11.13
C THR A 246 2.36 -4.32 -10.53
N SER A 247 2.14 -3.16 -11.14
CA SER A 247 1.04 -2.27 -10.73
C SER A 247 -0.07 -2.45 -11.75
N LEU A 248 -1.32 -2.24 -11.36
CA LEU A 248 -2.45 -2.42 -12.29
C LEU A 248 -3.14 -1.07 -12.52
N ASN A 249 -2.48 0.02 -12.13
CA ASN A 249 -3.07 1.38 -12.25
C ASN A 249 -2.43 2.14 -13.42
N LYS A 250 -1.59 1.46 -14.18
CA LYS A 250 -0.86 2.13 -15.28
C LYS A 250 -1.49 1.68 -16.60
N GLY A 251 -0.84 0.77 -17.32
CA GLY A 251 -1.40 0.25 -18.58
C GLY A 251 -2.69 -0.53 -18.38
N PHE A 252 -2.81 -1.28 -17.29
CA PHE A 252 -4.00 -2.14 -17.07
C PHE A 252 -5.26 -1.29 -16.83
N GLY A 253 -5.10 -0.03 -16.41
CA GLY A 253 -6.25 0.87 -16.29
C GLY A 253 -7.15 0.57 -15.12
N ALA A 254 -6.59 0.02 -14.06
CA ALA A 254 -7.40 -0.24 -12.84
C ALA A 254 -6.72 0.37 -11.63
N SER A 255 -6.71 -0.36 -10.52
CA SER A 255 -6.09 0.15 -9.28
C SER A 255 -5.35 -1.01 -8.60
N GLY A 256 -4.37 -0.67 -7.76
CA GLY A 256 -3.66 -1.70 -6.98
C GLY A 256 -2.49 -2.31 -7.70
N GLY A 257 -1.96 -3.41 -7.16
CA GLY A 257 -0.83 -4.11 -7.77
C GLY A 257 -1.02 -5.61 -7.68
N ALA A 258 -0.01 -6.38 -8.04
CA ALA A 258 -0.20 -7.84 -8.07
C ALA A 258 1.12 -8.60 -7.96
N ILE A 259 1.04 -9.82 -7.39
CA ILE A 259 2.23 -10.70 -7.35
C ILE A 259 1.95 -11.85 -8.32
N VAL A 260 2.80 -12.04 -9.31
CA VAL A 260 2.66 -13.23 -10.19
C VAL A 260 3.55 -14.29 -9.54
N PHE A 261 2.99 -15.11 -8.67
CA PHE A 261 3.78 -16.09 -7.87
C PHE A 261 4.58 -17.04 -8.76
N GLY A 262 3.94 -17.51 -9.82
CA GLY A 262 4.60 -18.52 -10.67
C GLY A 262 3.55 -19.38 -11.35
N PRO A 263 3.83 -20.67 -11.62
CA PRO A 263 2.88 -21.49 -12.39
C PRO A 263 1.52 -21.63 -11.71
N ARG A 264 0.47 -21.71 -12.55
CA ARG A 264 -0.89 -21.66 -12.05
C ARG A 264 -1.25 -22.82 -11.14
N ASP A 265 -0.58 -23.97 -11.28
CA ASP A 265 -1.00 -25.18 -10.58
C ASP A 265 -0.09 -25.51 -9.41
N ASP A 266 0.73 -24.57 -8.95
CA ASP A 266 1.58 -24.77 -7.78
C ASP A 266 1.22 -23.70 -6.75
N ASP A 267 0.59 -24.10 -5.65
CA ASP A 267 0.10 -23.16 -4.65
C ASP A 267 1.13 -22.85 -3.57
N ARG A 268 2.37 -23.32 -3.72
CA ARG A 268 3.32 -23.26 -2.61
C ARG A 268 3.79 -21.83 -2.36
N LYS A 269 4.15 -21.11 -3.42
CA LYS A 269 4.66 -19.75 -3.24
C LYS A 269 3.60 -18.84 -2.64
N ARG A 270 2.36 -18.91 -3.15
CA ARG A 270 1.26 -18.16 -2.56
C ARG A 270 1.08 -18.49 -1.09
N LYS A 271 0.99 -19.80 -0.78
CA LYS A 271 0.86 -20.23 0.61
C LYS A 271 1.97 -19.66 1.48
N ILE A 272 3.21 -19.78 1.04
CA ILE A 272 4.33 -19.31 1.85
C ILE A 272 4.23 -17.80 2.07
N ILE A 273 3.97 -17.06 0.99
CA ILE A 273 3.91 -15.61 1.13
C ILE A 273 2.66 -15.20 1.90
N GLN A 274 1.54 -15.88 1.68
CA GLN A 274 0.30 -15.54 2.38
C GLN A 274 0.41 -15.80 3.88
N ARG A 275 1.25 -16.75 4.29
CA ARG A 275 1.41 -17.08 5.70
C ARG A 275 2.57 -16.36 6.35
N SER A 276 3.32 -15.54 5.62
CA SER A 276 4.37 -14.73 6.21
C SER A 276 3.81 -13.39 6.66
N SER A 277 4.53 -12.75 7.59
CA SER A 277 4.05 -11.50 8.19
C SER A 277 4.44 -10.33 7.29
N GLY A 278 3.61 -10.11 6.26
CA GLY A 278 3.75 -8.98 5.38
C GLY A 278 2.40 -8.45 4.93
N PRO A 279 2.40 -7.49 4.01
CA PRO A 279 1.13 -6.87 3.56
C PRO A 279 0.12 -7.82 2.95
N LEU A 280 0.52 -8.97 2.38
CA LEU A 280 -0.50 -9.84 1.81
C LEU A 280 -1.39 -10.41 2.91
N MET A 281 -0.88 -10.50 4.13
CA MET A 281 -1.63 -11.04 5.27
C MET A 281 -2.38 -9.96 6.05
N TRP A 282 -1.74 -8.83 6.36
CA TRP A 282 -2.39 -7.86 7.25
C TRP A 282 -2.55 -6.45 6.64
N SER A 283 -2.50 -6.30 5.32
CA SER A 283 -2.84 -5.03 4.70
C SER A 283 -4.10 -5.19 3.84
N GLN A 284 -4.91 -4.13 3.84
CA GLN A 284 -6.24 -4.16 3.20
C GLN A 284 -6.25 -4.61 1.74
N ARG A 285 -7.28 -5.38 1.40
CA ARG A 285 -7.48 -5.80 0.01
C ARG A 285 -7.96 -4.60 -0.78
N LEU A 286 -7.95 -4.70 -2.10
CA LEU A 286 -8.44 -3.61 -2.97
C LEU A 286 -9.95 -3.46 -2.78
N ASN A 287 -10.45 -2.22 -2.88
CA ASN A 287 -11.87 -1.98 -2.70
C ASN A 287 -12.67 -2.49 -3.91
N THR A 288 -13.98 -2.57 -3.76
CA THR A 288 -14.75 -3.26 -4.78
C THR A 288 -14.76 -2.55 -6.14
N PRO A 289 -14.78 -1.21 -6.22
CA PRO A 289 -14.66 -0.62 -7.57
C PRO A 289 -13.33 -0.98 -8.24
N ALA A 290 -12.24 -1.05 -7.48
CA ALA A 290 -10.97 -1.48 -8.06
C ALA A 290 -11.08 -2.89 -8.60
N LEU A 291 -11.72 -3.79 -7.87
CA LEU A 291 -11.82 -5.18 -8.33
C LEU A 291 -12.72 -5.28 -9.56
N GLY A 292 -13.83 -4.55 -9.56
CA GLY A 292 -14.64 -4.47 -10.77
C GLY A 292 -13.85 -3.98 -11.97
N ALA A 293 -12.99 -2.98 -11.76
CA ALA A 293 -12.17 -2.47 -12.85
C ALA A 293 -11.19 -3.53 -13.34
N ILE A 294 -10.58 -4.30 -12.43
CA ILE A 294 -9.66 -5.34 -12.83
C ILE A 294 -10.35 -6.38 -13.70
N ILE A 295 -11.56 -6.79 -13.31
CA ILE A 295 -12.28 -7.82 -14.07
C ILE A 295 -12.60 -7.31 -15.48
N GLU A 296 -13.17 -6.11 -15.59
CA GLU A 296 -13.52 -5.59 -16.91
C GLU A 296 -12.28 -5.39 -17.76
N SER A 297 -11.18 -4.89 -17.16
CA SER A 297 -9.96 -4.71 -17.94
C SER A 297 -9.41 -6.05 -18.40
N ALA A 298 -9.55 -7.10 -17.59
CA ALA A 298 -9.10 -8.43 -18.02
C ALA A 298 -9.89 -8.92 -19.23
N LYS A 299 -11.22 -8.79 -19.20
CA LYS A 299 -12.01 -9.12 -20.37
C LYS A 299 -11.53 -8.32 -21.57
N LEU A 300 -11.26 -7.02 -21.36
CA LEU A 300 -10.73 -6.18 -22.43
C LEU A 300 -9.42 -6.74 -22.97
N HIS A 301 -8.52 -7.14 -22.07
CA HIS A 301 -7.21 -7.62 -22.47
C HIS A 301 -7.28 -8.95 -23.23
N ARG A 302 -8.38 -9.69 -23.09
CA ARG A 302 -8.61 -10.90 -23.86
C ARG A 302 -9.24 -10.63 -25.22
N SER A 303 -9.82 -9.45 -25.42
CA SER A 303 -10.58 -9.11 -26.61
C SER A 303 -9.67 -8.59 -27.72
N GLU A 304 -10.27 -8.37 -28.88
CA GLU A 304 -9.56 -7.79 -30.02
C GLU A 304 -9.22 -6.33 -29.79
N ALA A 305 -9.75 -5.72 -28.73
CA ALA A 305 -9.45 -4.31 -28.46
C ALA A 305 -8.02 -4.11 -27.98
N LEU A 306 -7.42 -5.12 -27.35
CA LEU A 306 -6.07 -4.92 -26.85
C LEU A 306 -5.04 -4.78 -27.96
N PRO A 307 -4.93 -5.68 -28.93
CA PRO A 307 -3.93 -5.48 -29.98
C PRO A 307 -4.17 -4.21 -30.77
N GLU A 308 -5.42 -3.76 -30.89
CA GLU A 308 -5.67 -2.45 -31.48
C GLU A 308 -5.03 -1.34 -30.64
N LEU A 309 -5.21 -1.40 -29.32
CA LEU A 309 -4.59 -0.39 -28.46
C LEU A 309 -3.06 -0.48 -28.51
N GLN A 310 -2.50 -1.70 -28.54
CA GLN A 310 -1.05 -1.82 -28.59
C GLN A 310 -0.50 -1.30 -29.92
N ALA A 311 -1.22 -1.55 -31.02
CA ALA A 311 -0.78 -1.05 -32.32
C ALA A 311 -0.73 0.48 -32.34
N LYS A 312 -1.80 1.12 -31.85
CA LYS A 312 -1.80 2.57 -31.76
C LYS A 312 -0.66 3.08 -30.88
N LEU A 313 -0.41 2.43 -29.73
CA LEU A 313 0.71 2.84 -28.88
C LEU A 313 2.04 2.73 -29.63
N HIS A 314 2.31 1.57 -30.23
CA HIS A 314 3.60 1.39 -30.91
C HIS A 314 3.72 2.27 -32.14
N SER A 315 2.61 2.57 -32.81
CA SER A 315 2.64 3.58 -33.86
C SER A 315 2.99 4.96 -33.31
N ASN A 316 2.44 5.32 -32.14
CA ASN A 316 2.80 6.60 -31.53
C ASN A 316 4.26 6.63 -31.10
N ILE A 317 4.80 5.49 -30.63
CA ILE A 317 6.23 5.43 -30.32
C ILE A 317 7.07 5.65 -31.58
N ALA A 318 6.70 4.99 -32.68
CA ALA A 318 7.43 5.18 -33.94
C ALA A 318 7.40 6.65 -34.37
N LEU A 319 6.21 7.27 -34.35
CA LEU A 319 6.12 8.70 -34.65
C LEU A 319 7.04 9.52 -33.75
N PHE A 320 6.99 9.27 -32.43
CA PHE A 320 7.76 10.09 -31.52
C PHE A 320 9.26 9.93 -31.75
N ASP A 321 9.71 8.69 -31.98
CA ASP A 321 11.13 8.44 -32.17
C ASP A 321 11.64 9.10 -33.45
N GLY A 322 10.80 9.14 -34.49
CA GLY A 322 11.15 9.80 -35.72
C GLY A 322 11.31 11.30 -35.59
N LEU A 323 10.85 11.88 -34.49
CA LEU A 323 10.79 13.33 -34.34
C LEU A 323 11.63 13.88 -33.20
N VAL A 324 11.87 13.07 -32.17
CA VAL A 324 12.56 13.51 -30.95
C VAL A 324 13.54 12.42 -30.56
N ARG A 325 14.77 12.80 -30.25
CA ARG A 325 15.76 11.85 -29.76
C ARG A 325 15.72 11.81 -28.24
N ALA A 326 15.48 10.63 -27.68
CA ALA A 326 15.42 10.44 -26.24
C ALA A 326 16.02 9.09 -25.90
N ALA A 327 16.55 8.97 -24.69
CA ALA A 327 17.02 7.68 -24.21
C ALA A 327 15.92 6.64 -24.38
N GLY A 328 16.25 5.52 -25.02
CA GLY A 328 15.26 4.51 -25.34
C GLY A 328 14.78 4.55 -26.77
N GLN A 329 15.20 5.54 -27.55
CA GLN A 329 14.80 5.66 -28.96
C GLN A 329 15.00 4.32 -29.67
N GLY A 330 13.93 3.82 -30.30
CA GLY A 330 13.99 2.59 -31.06
C GLY A 330 13.37 1.40 -30.37
N ASN A 331 13.31 1.41 -29.05
CA ASN A 331 12.73 0.25 -28.39
C ASN A 331 11.21 0.32 -28.50
N SER A 332 10.53 -0.69 -28.00
CA SER A 332 9.07 -0.74 -28.09
C SER A 332 8.40 -0.48 -26.76
N VAL A 333 9.06 0.26 -25.87
CA VAL A 333 8.47 0.58 -24.57
C VAL A 333 8.19 2.08 -24.51
N PRO A 334 7.14 2.49 -23.77
CA PRO A 334 6.69 3.89 -23.82
C PRO A 334 7.56 4.91 -23.12
N ILE A 335 8.58 4.52 -22.36
CA ILE A 335 9.34 5.49 -21.56
C ILE A 335 10.42 6.15 -22.41
N ARG A 336 10.45 7.48 -22.45
CA ARG A 336 11.47 8.22 -23.19
C ARG A 336 12.05 9.29 -22.28
N TYR A 337 13.34 9.20 -22.00
CA TYR A 337 13.98 10.10 -21.06
C TYR A 337 14.77 11.16 -21.82
N LEU A 338 14.43 12.42 -21.61
CA LEU A 338 15.10 13.53 -22.30
C LEU A 338 16.20 14.04 -21.36
N GLU A 339 17.42 13.55 -21.57
CA GLU A 339 18.53 13.82 -20.65
C GLU A 339 19.00 15.25 -20.78
N LEU A 340 18.95 15.99 -19.67
CA LEU A 340 19.47 17.34 -19.63
C LEU A 340 20.59 17.56 -18.62
N GLY A 341 20.81 16.61 -17.70
CA GLY A 341 21.90 16.65 -16.75
C GLY A 341 21.68 17.64 -15.64
N SER A 342 21.65 18.92 -15.98
CA SER A 342 21.43 19.96 -15.00
C SER A 342 19.99 19.94 -14.51
N GLU A 343 19.84 20.05 -13.19
CA GLU A 343 18.53 20.16 -12.57
C GLU A 343 17.86 21.50 -12.89
N VAL A 344 18.65 22.57 -12.98
CA VAL A 344 18.11 23.88 -13.35
C VAL A 344 17.52 23.84 -14.76
N ASP A 345 18.29 23.32 -15.72
CA ASP A 345 17.80 23.17 -17.10
C ASP A 345 16.55 22.30 -17.14
N THR A 346 16.56 21.21 -16.37
CA THR A 346 15.42 20.31 -16.37
C THR A 346 14.16 21.01 -15.85
N LEU A 347 14.27 21.74 -14.75
CA LEU A 347 13.09 22.40 -14.19
C LEU A 347 12.62 23.54 -15.10
N GLU A 348 13.57 24.29 -15.66
CA GLU A 348 13.23 25.37 -16.60
C GLU A 348 12.54 24.82 -17.84
N ALA A 349 13.04 23.69 -18.36
CA ALA A 349 12.45 23.07 -19.54
C ALA A 349 11.04 22.57 -19.25
N SER A 350 10.82 21.92 -18.10
CA SER A 350 9.46 21.49 -17.75
C SER A 350 8.53 22.69 -17.63
N ALA A 351 9.01 23.78 -17.00
CA ALA A 351 8.14 24.94 -16.82
C ALA A 351 7.82 25.60 -18.15
N TYR A 352 8.81 25.64 -19.06
CA TYR A 352 8.57 26.17 -20.39
C TYR A 352 7.57 25.32 -21.15
N LEU A 353 7.73 24.00 -21.13
CA LEU A 353 6.80 23.14 -21.86
C LEU A 353 5.40 23.23 -21.28
N PHE A 354 5.29 23.29 -19.95
CA PHE A 354 3.98 23.34 -19.31
C PHE A 354 3.27 24.64 -19.67
N ASP A 355 4.00 25.74 -19.73
CA ASP A 355 3.43 27.05 -20.14
C ASP A 355 2.97 27.00 -21.59
N ASN A 356 3.42 26.01 -22.35
CA ASN A 356 3.08 25.92 -23.79
C ASN A 356 2.17 24.72 -24.07
N GLY A 357 1.46 24.23 -23.05
CA GLY A 357 0.43 23.18 -23.25
C GLY A 357 0.92 21.75 -23.22
N PHE A 358 2.10 21.51 -22.66
CA PHE A 358 2.59 20.12 -22.54
C PHE A 358 3.22 19.88 -21.17
N TYR A 359 2.64 18.98 -20.38
CA TYR A 359 3.26 18.63 -19.08
C TYR A 359 4.21 17.47 -19.26
N VAL A 360 5.45 17.66 -18.86
CA VAL A 360 6.46 16.59 -18.90
C VAL A 360 7.14 16.58 -17.54
N GLU A 361 7.08 15.43 -16.84
CA GLU A 361 7.52 15.44 -15.45
C GLU A 361 9.04 15.57 -15.36
N PRO A 362 9.53 16.35 -14.42
CA PRO A 362 10.99 16.52 -14.28
C PRO A 362 11.61 15.62 -13.23
N ASP A 363 12.54 14.78 -13.64
CA ASP A 363 13.29 13.89 -12.75
C ASP A 363 14.58 14.58 -12.32
N PHE A 364 14.68 14.90 -11.03
CA PHE A 364 15.92 15.39 -10.44
C PHE A 364 16.14 14.62 -9.13
N PHE A 365 17.31 14.85 -8.51
CA PHE A 365 17.61 14.10 -7.29
C PHE A 365 16.63 14.50 -6.19
N PRO A 366 16.08 13.54 -5.44
CA PRO A 366 16.41 12.11 -5.34
C PRO A 366 15.76 11.14 -6.31
N ILE A 367 14.97 11.61 -7.28
CA ILE A 367 14.37 10.66 -8.21
C ILE A 367 15.44 9.98 -9.05
N VAL A 368 16.53 10.69 -9.34
CA VAL A 368 17.66 10.17 -10.14
C VAL A 368 18.94 10.77 -9.60
N SER A 369 20.08 10.27 -10.09
CA SER A 369 21.38 10.74 -9.60
C SER A 369 21.56 12.22 -9.86
N ARG A 370 22.42 12.84 -9.08
CA ARG A 370 22.76 14.24 -9.31
C ARG A 370 23.50 14.37 -10.63
N GLY A 371 23.24 15.47 -11.34
CA GLY A 371 23.78 15.65 -12.67
C GLY A 371 23.22 14.72 -13.71
N ALA A 372 22.20 13.93 -13.40
CA ALA A 372 21.58 13.04 -14.37
C ALA A 372 20.10 13.38 -14.58
N ALA A 373 19.73 14.63 -14.35
CA ALA A 373 18.34 15.06 -14.46
C ALA A 373 17.84 15.04 -15.92
N GLY A 374 16.52 15.05 -16.06
CA GLY A 374 15.90 14.96 -17.37
C GLY A 374 14.39 14.94 -17.25
N LEU A 375 13.73 15.03 -18.40
CA LEU A 375 12.27 14.99 -18.49
C LEU A 375 11.82 13.59 -18.85
N ARG A 376 10.81 13.08 -18.16
CA ARG A 376 10.36 11.70 -18.37
C ARG A 376 9.07 11.73 -19.18
N ALA A 377 9.19 11.58 -20.48
CA ALA A 377 8.02 11.48 -21.34
C ALA A 377 7.60 10.03 -21.40
N ARG A 378 6.30 9.82 -21.58
CA ARG A 378 5.74 8.48 -21.67
C ARG A 378 4.76 8.46 -22.82
N ILE A 379 4.93 7.51 -23.73
CA ILE A 379 4.05 7.44 -24.88
C ILE A 379 2.82 6.63 -24.50
N ARG A 380 1.64 7.08 -24.93
CA ARG A 380 0.42 6.33 -24.64
C ARG A 380 -0.45 6.27 -25.89
N SER A 381 -1.32 5.27 -25.94
CA SER A 381 -2.19 5.08 -27.12
C SER A 381 -3.22 6.20 -27.24
N SER A 382 -3.48 6.92 -26.15
CA SER A 382 -4.50 8.00 -26.13
C SER A 382 -3.92 9.30 -26.70
N MET A 383 -2.67 9.24 -27.14
CA MET A 383 -2.02 10.44 -27.73
C MET A 383 -2.39 10.54 -29.21
N SER A 384 -2.68 11.74 -29.67
CA SER A 384 -2.97 11.96 -31.11
C SER A 384 -1.67 12.14 -31.86
N THR A 385 -1.71 12.00 -33.18
CA THR A 385 -0.52 12.25 -34.02
C THR A 385 -0.12 13.71 -33.88
N ALA A 386 -1.10 14.60 -33.74
CA ALA A 386 -0.85 16.05 -33.63
C ALA A 386 -0.30 16.40 -32.25
N ASP A 387 -0.75 15.69 -31.21
CA ASP A 387 -0.24 15.92 -29.85
C ASP A 387 1.27 15.69 -29.88
N ILE A 388 1.69 14.61 -30.51
CA ILE A 388 3.10 14.27 -30.53
C ILE A 388 3.86 15.24 -31.42
N GLU A 389 3.36 15.45 -32.64
CA GLU A 389 3.99 16.38 -33.57
C GLU A 389 4.07 17.79 -32.99
N GLN A 390 3.02 18.22 -32.28
CA GLN A 390 3.10 19.56 -31.69
C GLN A 390 4.06 19.62 -30.51
N PHE A 391 4.08 18.58 -29.67
CA PHE A 391 5.08 18.56 -28.60
C PHE A 391 6.50 18.65 -29.17
N ALA A 392 6.78 17.85 -30.21
CA ALA A 392 8.08 17.93 -30.88
C ALA A 392 8.40 19.36 -31.32
N HIS A 393 7.41 20.05 -31.88
CA HIS A 393 7.61 21.44 -32.30
C HIS A 393 8.00 22.33 -31.13
N VAL A 394 7.25 22.24 -30.03
CA VAL A 394 7.55 23.08 -28.86
C VAL A 394 8.87 22.67 -28.24
N TRP A 395 9.14 21.36 -28.17
CA TRP A 395 10.40 20.89 -27.59
C TRP A 395 11.60 21.45 -28.35
N HIS A 396 11.58 21.36 -29.68
CA HIS A 396 12.75 21.77 -30.43
C HIS A 396 12.99 23.27 -30.39
N LYS A 397 12.02 24.07 -29.93
CA LYS A 397 12.30 25.50 -29.79
C LYS A 397 13.32 25.79 -28.69
N LEU A 398 13.63 24.82 -27.83
CA LEU A 398 14.64 25.03 -26.81
C LEU A 398 16.06 24.84 -27.35
N GLY A 399 16.20 24.20 -28.51
CA GLY A 399 17.50 24.02 -29.14
C GLY A 399 18.45 23.15 -28.34
N VAL A 400 18.04 21.90 -28.08
CA VAL A 400 18.90 20.95 -27.37
C VAL A 400 19.53 19.93 -28.33
N ASP A 401 18.86 19.65 -29.46
CA ASP A 401 19.22 18.63 -30.48
C ASP A 401 18.70 17.25 -30.07
N PRO B 1 19.88 -3.67 10.60
CA PRO B 1 20.88 -4.18 11.55
C PRO B 1 20.30 -4.89 12.78
N ARG B 2 20.62 -4.46 14.00
CA ARG B 2 20.18 -5.23 15.21
C ARG B 2 18.66 -5.40 15.28
N GLY B 3 17.89 -4.32 15.41
CA GLY B 3 16.42 -4.45 15.38
C GLY B 3 15.99 -5.21 14.15
N SER B 4 15.03 -6.14 14.28
CA SER B 4 14.68 -6.98 13.11
C SER B 4 13.27 -7.58 13.19
N HIS B 5 12.75 -8.06 12.06
CA HIS B 5 11.45 -8.76 12.01
C HIS B 5 11.69 -9.93 11.08
N MET B 6 12.42 -10.94 11.56
CA MET B 6 12.86 -12.06 10.69
C MET B 6 11.71 -12.93 10.17
N VAL B 7 11.86 -13.46 8.96
CA VAL B 7 10.84 -14.39 8.39
C VAL B 7 10.88 -15.68 9.20
N LYS B 8 9.72 -16.24 9.52
CA LYS B 8 9.64 -17.50 10.30
C LYS B 8 10.10 -18.66 9.42
N LYS B 9 11.16 -19.36 9.83
CA LYS B 9 11.73 -20.43 8.96
C LYS B 9 11.18 -21.80 9.34
N LEU B 10 10.68 -21.95 10.56
CA LEU B 10 10.14 -23.25 11.03
C LEU B 10 8.63 -23.18 10.90
N ARG B 11 8.06 -23.93 9.96
CA ARG B 11 6.61 -23.77 9.70
C ARG B 11 5.86 -25.10 9.73
N HIS B 12 6.48 -26.18 10.19
CA HIS B 12 5.74 -27.47 10.29
C HIS B 12 4.59 -27.33 11.28
N LEU B 13 4.87 -26.77 12.46
CA LEU B 13 3.76 -26.60 13.40
C LEU B 13 2.75 -25.58 12.85
N SER B 14 3.24 -24.44 12.34
CA SER B 14 2.33 -23.38 11.93
C SER B 14 1.53 -23.78 10.69
N ASP B 15 2.19 -24.37 9.68
CA ASP B 15 1.48 -24.85 8.50
C ASP B 15 0.39 -25.86 8.85
N GLY B 16 0.59 -26.65 9.90
CA GLY B 16 -0.45 -27.58 10.33
C GLY B 16 -1.69 -26.86 10.80
N TYR B 17 -1.52 -25.77 11.55
CA TYR B 17 -2.66 -24.98 12.01
C TYR B 17 -3.36 -24.25 10.87
N TRP B 18 -2.60 -23.63 9.96
CA TRP B 18 -3.23 -22.96 8.81
C TRP B 18 -4.00 -23.97 7.97
N ASP B 19 -3.40 -25.13 7.69
CA ASP B 19 -4.06 -26.15 6.87
C ASP B 19 -5.36 -26.61 7.51
N SER B 20 -5.36 -26.80 8.84
CA SER B 20 -6.57 -27.22 9.54
C SER B 20 -7.63 -26.14 9.50
N ALA B 21 -7.23 -24.87 9.68
CA ALA B 21 -8.22 -23.79 9.67
C ALA B 21 -8.88 -23.69 8.30
N ALA B 22 -8.12 -23.91 7.23
CA ALA B 22 -8.71 -23.90 5.89
C ALA B 22 -9.60 -25.12 5.68
N ARG B 23 -9.13 -26.29 6.11
CA ARG B 23 -9.92 -27.51 5.97
C ARG B 23 -11.27 -27.37 6.68
N LEU B 24 -11.24 -26.87 7.93
CA LEU B 24 -12.43 -26.55 8.73
C LEU B 24 -13.25 -25.40 8.16
N GLY B 25 -12.82 -24.75 7.08
CA GLY B 25 -13.58 -23.68 6.47
C GLY B 25 -13.63 -22.37 7.22
N VAL B 26 -12.94 -22.28 8.36
CA VAL B 26 -12.89 -21.02 9.14
C VAL B 26 -11.92 -20.05 8.45
N HIS B 27 -11.10 -20.57 7.54
CA HIS B 27 -10.19 -19.72 6.74
C HIS B 27 -10.31 -20.13 5.27
N GLY B 28 -10.19 -19.18 4.33
CA GLY B 28 -10.22 -19.52 2.90
C GLY B 28 -11.61 -19.57 2.34
N ALA B 29 -12.57 -19.01 3.07
CA ALA B 29 -13.98 -19.08 2.63
C ALA B 29 -14.29 -17.97 1.61
N VAL B 30 -15.07 -18.29 0.58
CA VAL B 30 -15.52 -17.24 -0.36
C VAL B 30 -16.95 -16.86 0.04
N LEU B 31 -17.09 -15.76 0.76
CA LEU B 31 -18.38 -15.33 1.29
C LEU B 31 -18.75 -13.94 0.77
N GLN B 32 -20.04 -13.72 0.61
CA GLN B 32 -20.58 -12.48 0.07
C GLN B 32 -21.07 -11.58 1.20
N ALA B 33 -20.74 -10.30 1.11
CA ALA B 33 -21.28 -9.34 2.08
C ALA B 33 -22.78 -9.19 1.88
N VAL B 34 -23.50 -9.06 2.99
CA VAL B 34 -24.96 -9.07 3.02
C VAL B 34 -25.36 -8.12 4.12
N PRO B 35 -26.46 -7.34 3.97
CA PRO B 35 -26.80 -6.33 4.97
C PRO B 35 -26.88 -6.88 6.39
N GLY B 36 -26.69 -6.00 7.38
CA GLY B 36 -26.71 -6.40 8.76
C GLY B 36 -25.46 -7.10 9.25
N GLY B 37 -24.30 -6.78 8.67
CA GLY B 37 -23.05 -7.37 9.11
C GLY B 37 -22.99 -8.87 8.95
N ARG B 38 -23.51 -9.38 7.84
CA ARG B 38 -23.70 -10.81 7.68
C ARG B 38 -22.98 -11.29 6.43
N LEU B 39 -22.78 -12.61 6.37
CA LEU B 39 -22.00 -13.24 5.31
C LEU B 39 -22.83 -14.35 4.67
N SER B 40 -22.81 -14.40 3.34
CA SER B 40 -23.57 -15.38 2.56
C SER B 40 -22.60 -16.33 1.87
N ALA B 41 -22.83 -17.62 2.02
CA ALA B 41 -21.96 -18.65 1.46
C ALA B 41 -22.50 -19.12 0.11
N PRO B 42 -21.71 -19.89 -0.65
CA PRO B 42 -22.23 -20.44 -1.91
C PRO B 42 -23.48 -21.28 -1.75
N ASP B 43 -23.58 -22.09 -0.68
CA ASP B 43 -24.77 -22.92 -0.46
C ASP B 43 -26.00 -22.09 -0.11
N GLY B 44 -25.83 -20.86 0.37
CA GLY B 44 -26.95 -20.00 0.70
C GLY B 44 -27.10 -19.69 2.17
N ARG B 45 -26.33 -20.34 3.05
CA ARG B 45 -26.43 -20.09 4.48
C ARG B 45 -25.85 -18.71 4.81
N VAL B 46 -26.33 -18.15 5.92
CA VAL B 46 -26.02 -16.77 6.29
C VAL B 46 -25.55 -16.74 7.73
N ALA B 47 -24.36 -16.18 7.96
CA ALA B 47 -23.80 -16.06 9.30
C ALA B 47 -23.58 -14.59 9.65
N VAL B 48 -23.56 -14.32 10.94
CA VAL B 48 -23.30 -12.98 11.45
C VAL B 48 -21.80 -12.84 11.69
N ASN B 49 -21.20 -11.83 11.08
CA ASN B 49 -19.75 -11.59 11.24
C ASN B 49 -19.51 -10.92 12.58
N MET B 50 -18.94 -11.66 13.53
CA MET B 50 -18.59 -11.10 14.83
C MET B 50 -17.18 -10.51 14.86
N SER B 51 -16.44 -10.62 13.76
CA SER B 51 -15.03 -10.16 13.79
C SER B 51 -14.78 -9.01 12.80
N SER B 52 -15.84 -8.40 12.26
CA SER B 52 -15.72 -7.26 11.32
C SER B 52 -15.04 -6.06 12.00
N TYR B 53 -14.22 -5.33 11.24
CA TYR B 53 -13.53 -4.13 11.80
C TYR B 53 -14.26 -2.84 11.43
N SER B 54 -15.44 -2.93 10.79
CA SER B 54 -16.25 -1.70 10.56
C SER B 54 -17.00 -1.43 11.86
N TYR B 55 -16.31 -0.90 12.86
CA TYR B 55 -16.90 -0.73 14.21
C TYR B 55 -18.17 0.12 14.22
N LEU B 56 -18.35 1.06 13.29
CA LEU B 56 -19.55 1.92 13.38
C LEU B 56 -20.53 1.54 12.28
N GLY B 57 -20.27 0.44 11.58
CA GLY B 57 -21.19 -0.05 10.53
C GLY B 57 -21.13 0.82 9.30
N LEU B 58 -20.16 1.71 9.22
CA LEU B 58 -20.09 2.66 8.09
C LEU B 58 -19.79 1.90 6.80
N ASP B 59 -19.31 0.66 6.87
CA ASP B 59 -19.16 -0.06 5.62
C ASP B 59 -20.50 -0.33 4.94
N GLU B 60 -21.62 -0.17 5.63
CA GLU B 60 -22.93 -0.37 5.02
C GLU B 60 -23.71 0.93 4.80
N SER B 61 -23.09 2.08 5.03
CA SER B 61 -23.78 3.36 4.93
C SER B 61 -24.11 3.70 3.48
N PRO B 62 -25.39 3.87 3.12
CA PRO B 62 -25.71 4.27 1.75
C PRO B 62 -25.19 5.66 1.42
N ARG B 63 -25.14 6.57 2.39
CA ARG B 63 -24.52 7.87 2.16
C ARG B 63 -23.10 7.72 1.62
N ILE B 64 -22.28 6.92 2.29
CA ILE B 64 -20.88 6.82 1.92
C ILE B 64 -20.73 6.16 0.56
N ILE B 65 -21.46 5.07 0.32
CA ILE B 65 -21.34 4.38 -0.95
C ILE B 65 -21.82 5.28 -2.09
N ASP B 66 -22.92 6.03 -1.87
CA ASP B 66 -23.40 6.94 -2.90
C ASP B 66 -22.37 8.03 -3.21
N ALA B 67 -21.70 8.55 -2.19
CA ALA B 67 -20.68 9.56 -2.43
C ALA B 67 -19.46 8.98 -3.14
N ALA B 68 -19.23 7.67 -3.01
CA ALA B 68 -18.13 7.04 -3.74
C ALA B 68 -18.50 6.85 -5.20
N ILE B 69 -19.72 6.37 -5.45
CA ILE B 69 -20.22 6.30 -6.82
C ILE B 69 -20.23 7.67 -7.47
N ALA B 70 -20.73 8.69 -6.76
CA ALA B 70 -20.79 10.04 -7.33
C ALA B 70 -19.40 10.57 -7.70
N ALA B 71 -18.41 10.33 -6.83
CA ALA B 71 -17.07 10.81 -7.13
C ALA B 71 -16.53 10.20 -8.42
N LEU B 72 -16.77 8.91 -8.64
CA LEU B 72 -16.32 8.28 -9.87
C LEU B 72 -17.12 8.75 -11.09
N ARG B 73 -18.44 8.93 -10.94
CA ARG B 73 -19.27 9.45 -12.03
C ARG B 73 -18.79 10.81 -12.52
N SER B 74 -18.49 11.73 -11.59
CA SER B 74 -18.10 13.07 -12.05
C SER B 74 -16.66 13.14 -12.54
N ASN B 75 -15.73 12.44 -11.89
CA ASN B 75 -14.34 12.46 -12.35
C ASN B 75 -14.11 11.65 -13.59
N MET B 76 -14.79 10.50 -13.72
CA MET B 76 -14.69 9.61 -14.88
C MET B 76 -13.29 9.02 -15.08
N VAL B 77 -12.46 9.06 -14.04
CA VAL B 77 -11.23 8.29 -13.95
C VAL B 77 -11.15 7.68 -12.56
N LEU B 78 -10.57 6.48 -12.48
CA LEU B 78 -10.26 5.91 -11.17
C LEU B 78 -9.21 6.75 -10.44
N ASN B 79 -8.33 7.41 -11.19
CA ASN B 79 -7.21 8.10 -10.55
C ASN B 79 -6.54 9.03 -11.55
N SER B 80 -5.74 9.97 -11.03
CA SER B 80 -4.74 10.62 -11.85
C SER B 80 -3.69 9.58 -12.25
N SER B 81 -2.83 9.95 -13.21
CA SER B 81 -1.87 9.03 -13.80
C SER B 81 -0.44 9.52 -13.66
N LEU B 82 -0.16 10.25 -12.58
CA LEU B 82 1.17 10.72 -12.21
C LEU B 82 1.33 10.63 -10.70
N SER B 83 2.58 10.64 -10.24
CA SER B 83 2.86 10.79 -8.82
C SER B 83 2.23 12.07 -8.28
N ARG B 84 1.77 12.00 -7.02
CA ARG B 84 1.15 13.16 -6.35
C ARG B 84 2.12 14.31 -6.16
N VAL B 85 3.42 14.03 -6.31
CA VAL B 85 4.43 15.07 -6.25
C VAL B 85 4.29 16.00 -7.48
N ARG B 86 3.84 15.47 -8.61
CA ARG B 86 3.62 16.30 -9.79
C ARG B 86 2.31 17.09 -9.68
N MET B 87 1.23 16.41 -9.31
CA MET B 87 -0.08 17.01 -9.32
C MET B 87 -1.02 16.10 -8.56
N THR B 88 -2.18 16.64 -8.18
CA THR B 88 -3.26 15.83 -7.61
C THR B 88 -4.58 16.33 -8.18
N LEU B 89 -5.57 15.43 -8.18
CA LEU B 89 -6.93 15.83 -8.52
C LEU B 89 -7.49 16.69 -7.39
N PRO B 90 -8.36 17.64 -7.73
CA PRO B 90 -9.03 18.43 -6.67
C PRO B 90 -9.76 17.55 -5.66
N LEU B 91 -10.27 16.41 -6.09
CA LEU B 91 -10.95 15.52 -5.15
C LEU B 91 -9.99 15.01 -4.07
N LEU B 92 -8.73 14.73 -4.42
CA LEU B 92 -7.77 14.33 -3.39
C LEU B 92 -7.54 15.45 -2.41
N GLU B 93 -7.39 16.69 -2.90
CA GLU B 93 -7.17 17.80 -1.98
C GLU B 93 -8.38 18.04 -1.08
N GLU B 94 -9.58 17.88 -1.63
CA GLU B 94 -10.78 18.02 -0.82
C GLU B 94 -10.84 16.93 0.25
N ALA B 95 -10.46 15.70 -0.10
CA ALA B 95 -10.43 14.63 0.90
C ALA B 95 -9.42 14.93 2.01
N GLU B 96 -8.19 15.33 1.65
CA GLU B 96 -7.21 15.64 2.70
C GLU B 96 -7.57 16.92 3.46
N CYS B 97 -8.29 17.86 2.85
CA CYS B 97 -8.74 19.02 3.63
C CYS B 97 -9.84 18.62 4.60
N ALA B 98 -10.73 17.72 4.18
CA ALA B 98 -11.81 17.27 5.05
C ALA B 98 -11.26 16.46 6.24
N LEU B 99 -10.24 15.63 6.00
CA LEU B 99 -9.60 14.94 7.11
C LEU B 99 -8.86 15.90 8.02
N GLY B 100 -8.21 16.91 7.44
CA GLY B 100 -7.51 17.89 8.25
C GLY B 100 -8.46 18.70 9.12
N ASP B 101 -9.67 18.98 8.63
CA ASP B 101 -10.66 19.67 9.43
C ASP B 101 -11.07 18.80 10.62
N LEU B 102 -11.32 17.52 10.35
CA LEU B 102 -11.82 16.59 11.35
C LEU B 102 -10.78 16.36 12.44
N PHE B 103 -9.58 15.94 12.05
CA PHE B 103 -8.54 15.67 13.04
C PHE B 103 -7.92 16.94 13.62
N GLY B 104 -8.08 18.08 12.96
CA GLY B 104 -7.42 19.30 13.39
C GLY B 104 -5.92 19.24 13.18
N ALA B 105 -5.50 18.74 12.02
CA ALA B 105 -4.08 18.49 11.82
C ALA B 105 -3.82 18.43 10.32
N ASP B 106 -2.55 18.55 9.95
CA ASP B 106 -2.17 18.27 8.57
C ASP B 106 -2.19 16.76 8.35
N VAL B 107 -2.94 16.31 7.33
CA VAL B 107 -3.21 14.89 7.11
C VAL B 107 -3.02 14.57 5.62
N ALA B 108 -2.22 13.56 5.32
CA ALA B 108 -2.15 13.01 3.96
C ALA B 108 -2.77 11.63 3.94
N THR B 109 -3.46 11.30 2.83
CA THR B 109 -3.94 9.96 2.56
C THR B 109 -2.88 9.17 1.81
N LEU B 110 -2.90 7.86 2.00
CA LEU B 110 -2.13 6.89 1.21
C LEU B 110 -3.01 5.68 0.95
N ASN B 111 -2.55 4.77 0.09
CA ASN B 111 -3.38 3.62 -0.22
C ASN B 111 -3.54 2.66 0.95
N SER B 112 -2.76 2.82 2.02
CA SER B 112 -2.96 1.97 3.19
C SER B 112 -2.23 2.56 4.39
N CYS B 113 -2.63 2.08 5.57
CA CYS B 113 -1.91 2.42 6.79
C CYS B 113 -0.51 1.82 6.77
N SER B 114 -0.35 0.67 6.12
CA SER B 114 0.97 0.06 6.01
C SER B 114 1.92 0.93 5.19
N ALA B 115 1.44 1.44 4.04
CA ALA B 115 2.21 2.40 3.28
C ALA B 115 2.54 3.64 4.10
N ALA B 116 1.62 4.06 4.98
CA ALA B 116 1.90 5.23 5.80
C ALA B 116 3.03 4.95 6.79
N ALA B 117 3.14 3.72 7.30
CA ALA B 117 4.25 3.42 8.21
C ALA B 117 5.57 3.38 7.44
N TRP B 118 5.58 2.73 6.28
CA TRP B 118 6.76 2.70 5.43
C TRP B 118 7.24 4.12 5.10
N ALA B 119 6.29 5.05 4.89
CA ALA B 119 6.65 6.40 4.49
C ALA B 119 7.25 7.22 5.63
N THR B 120 6.87 6.93 6.88
CA THR B 120 7.21 7.79 8.01
C THR B 120 8.32 7.24 8.89
N LEU B 121 8.24 5.97 9.32
CA LEU B 121 9.20 5.46 10.31
C LEU B 121 10.65 5.63 9.91
N PRO B 122 11.10 5.26 8.69
CA PRO B 122 12.51 5.47 8.36
C PRO B 122 12.91 6.92 8.37
N VAL B 123 11.98 7.82 8.03
CA VAL B 123 12.27 9.25 8.04
C VAL B 123 12.38 9.76 9.47
N LEU B 124 11.48 9.32 10.36
CA LEU B 124 11.60 9.64 11.77
C LEU B 124 12.96 9.19 12.30
N ALA B 125 13.38 7.98 11.93
CA ALA B 125 14.65 7.44 12.41
C ALA B 125 15.86 8.24 11.93
N SER B 126 15.74 8.96 10.80
CA SER B 126 16.89 9.64 10.21
C SER B 126 17.24 10.95 10.93
N GLY B 127 16.36 11.45 11.80
CA GLY B 127 16.52 12.74 12.42
C GLY B 127 15.78 13.89 11.75
N LEU B 128 15.37 13.72 10.48
CA LEU B 128 14.81 14.83 9.71
C LEU B 128 13.56 15.41 10.36
N LEU B 129 12.85 14.61 11.13
CA LEU B 129 11.62 15.11 11.80
C LEU B 129 11.97 15.53 13.23
N THR B 130 13.24 15.42 13.61
CA THR B 130 13.65 15.71 15.01
C THR B 130 14.84 16.68 15.02
N ASP B 131 14.79 17.74 14.23
CA ASP B 131 15.83 18.81 14.26
C ASP B 131 17.22 18.25 13.94
N GLY B 132 17.31 17.34 12.98
CA GLY B 132 18.63 16.82 12.56
C GLY B 132 19.21 15.82 13.53
N VAL B 133 18.51 15.56 14.64
CA VAL B 133 19.03 14.64 15.68
C VAL B 133 18.36 13.28 15.55
N ALA B 134 19.10 12.29 15.07
CA ALA B 134 18.56 10.95 14.97
C ALA B 134 18.09 10.47 16.33
N PRO B 135 16.81 10.13 16.50
CA PRO B 135 16.33 9.65 17.78
C PRO B 135 16.68 8.17 17.98
N VAL B 136 16.61 7.75 19.23
CA VAL B 136 16.59 6.32 19.53
C VAL B 136 15.17 5.83 19.25
N MET B 137 15.04 4.86 18.37
CA MET B 137 13.74 4.36 17.94
C MET B 137 13.34 3.23 18.85
N VAL B 138 12.39 3.49 19.77
CA VAL B 138 11.95 2.55 20.78
C VAL B 138 10.58 2.02 20.37
N PHE B 139 10.50 0.73 20.06
CA PHE B 139 9.25 0.10 19.64
C PHE B 139 8.61 -0.64 20.80
N ASP B 140 7.29 -0.54 20.92
CA ASP B 140 6.60 -1.44 21.83
C ASP B 140 6.66 -2.87 21.29
N LYS B 141 6.72 -3.86 22.19
CA LYS B 141 6.80 -5.27 21.76
C LYS B 141 5.53 -5.67 21.02
N ARG B 142 4.38 -5.09 21.38
CA ARG B 142 3.10 -5.50 20.78
C ARG B 142 2.66 -4.52 19.68
N ALA B 143 3.59 -3.69 19.20
CA ALA B 143 3.28 -2.76 18.09
C ALA B 143 2.95 -3.55 16.83
N HIS B 144 2.05 -3.05 16.01
CA HIS B 144 1.60 -3.82 14.81
C HIS B 144 2.78 -4.07 13.87
N PHE B 145 2.68 -5.14 13.08
CA PHE B 145 3.79 -5.55 12.19
C PHE B 145 4.02 -4.56 11.05
N CYS B 146 3.00 -3.79 10.67
CA CYS B 146 3.20 -2.76 9.61
C CYS B 146 4.36 -1.86 10.04
N MET B 147 4.52 -1.64 11.34
CA MET B 147 5.62 -0.80 11.87
C MET B 147 6.81 -1.68 12.28
N ALA B 148 6.55 -2.77 13.00
CA ALA B 148 7.64 -3.62 13.52
C ALA B 148 8.51 -4.20 12.40
N SER B 149 7.89 -4.56 11.28
CA SER B 149 8.64 -5.19 10.16
C SER B 149 9.64 -4.22 9.55
N LEU B 150 9.59 -2.94 9.93
CA LEU B 150 10.46 -1.92 9.30
C LEU B 150 11.57 -1.49 10.26
N LYS B 151 11.79 -2.25 11.32
CA LYS B 151 12.84 -1.92 12.32
C LYS B 151 14.21 -1.90 11.65
N SER B 152 14.47 -2.85 10.74
CA SER B 152 15.79 -2.93 10.07
C SER B 152 16.08 -1.66 9.28
N LEU B 153 15.06 -1.08 8.64
CA LEU B 153 15.24 0.19 7.91
C LEU B 153 15.59 1.28 8.93
N CYS B 154 14.86 1.30 10.03
CA CYS B 154 15.09 2.31 11.08
C CYS B 154 16.50 2.12 11.68
N ALA B 155 17.00 0.89 11.73
CA ALA B 155 18.33 0.60 12.32
C ALA B 155 19.42 1.03 11.35
N ASP B 156 19.09 1.10 10.06
CA ASP B 156 20.07 1.59 9.05
C ASP B 156 20.33 3.08 9.32
N GLU B 157 19.47 3.73 10.10
CA GLU B 157 19.61 5.18 10.34
C GLU B 157 19.99 5.48 11.79
N THR B 158 19.47 4.70 12.73
CA THR B 158 19.72 5.00 14.16
C THR B 158 19.64 3.73 15.00
N ARG B 159 19.73 3.88 16.32
CA ARG B 159 19.62 2.71 17.22
C ARG B 159 18.14 2.37 17.43
N VAL B 160 17.80 1.10 17.25
CA VAL B 160 16.41 0.65 17.49
C VAL B 160 16.41 -0.20 18.76
N GLU B 161 15.47 0.04 19.66
CA GLU B 161 15.35 -0.80 20.88
C GLU B 161 13.88 -1.21 21.02
N THR B 162 13.63 -2.46 21.35
CA THR B 162 12.24 -2.91 21.59
C THR B 162 12.08 -3.09 23.10
N ILE B 163 10.98 -2.58 23.67
CA ILE B 163 10.75 -2.65 25.13
C ILE B 163 9.52 -3.52 25.37
N ARG B 164 9.32 -3.94 26.63
CA ARG B 164 8.15 -4.77 26.97
C ARG B 164 6.88 -3.93 26.90
N HIS B 165 5.75 -4.58 26.65
CA HIS B 165 4.48 -3.84 26.47
C HIS B 165 4.27 -2.85 27.62
N ASN B 166 4.14 -1.56 27.27
CA ASN B 166 3.81 -0.52 28.27
C ASN B 166 4.87 -0.44 29.37
N ASP B 167 6.12 -0.80 29.07
CA ASP B 167 7.20 -0.65 30.07
C ASP B 167 7.60 0.82 30.11
N VAL B 168 6.75 1.65 30.71
CA VAL B 168 7.01 3.12 30.77
C VAL B 168 8.32 3.38 31.53
N ASP B 169 8.59 2.60 32.58
CA ASP B 169 9.79 2.86 33.41
C ASP B 169 11.05 2.69 32.55
N ALA B 170 11.07 1.66 31.70
CA ALA B 170 12.24 1.41 30.84
C ALA B 170 12.40 2.54 29.82
N LEU B 171 11.29 3.03 29.26
CA LEU B 171 11.34 4.12 28.25
C LEU B 171 11.92 5.37 28.91
N ALA B 172 11.53 5.65 30.15
CA ALA B 172 12.06 6.81 30.88
C ALA B 172 13.58 6.69 31.02
N ASP B 173 14.05 5.50 31.33
CA ASP B 173 15.51 5.28 31.47
C ASP B 173 16.19 5.59 30.13
N ILE B 174 15.63 5.08 29.04
CA ILE B 174 16.22 5.31 27.70
C ILE B 174 16.17 6.81 27.45
N CYS B 175 15.09 7.45 27.89
CA CYS B 175 14.93 8.91 27.70
C CYS B 175 16.01 9.66 28.50
N ARG B 176 16.28 9.22 29.73
CA ARG B 176 17.24 9.96 30.59
C ARG B 176 18.66 9.77 30.07
N LYS B 177 18.92 8.73 29.30
CA LYS B 177 20.31 8.43 28.86
C LYS B 177 20.56 8.88 27.42
N ASN B 178 19.58 9.49 26.78
CA ASN B 178 19.74 9.83 25.34
C ASN B 178 19.17 11.22 25.05
N LYS B 179 19.79 11.95 24.11
CA LYS B 179 19.33 13.33 23.80
C LYS B 179 17.91 13.29 23.24
N ARG B 180 17.65 12.46 22.25
CA ARG B 180 16.32 12.42 21.60
C ARG B 180 15.82 10.97 21.49
N VAL B 181 14.58 10.74 21.86
CA VAL B 181 14.01 9.37 21.81
C VAL B 181 12.61 9.42 21.17
N ALA B 182 12.21 8.35 20.51
CA ALA B 182 10.86 8.24 19.94
C ALA B 182 10.24 6.91 20.34
N TYR B 183 8.95 6.88 20.60
CA TYR B 183 8.26 5.63 21.02
C TYR B 183 7.22 5.27 19.95
N VAL B 184 7.40 4.11 19.33
CA VAL B 184 6.44 3.64 18.29
C VAL B 184 5.49 2.64 18.95
N CYS B 185 4.18 2.89 18.88
CA CYS B 185 3.22 2.03 19.60
C CYS B 185 1.85 2.06 18.95
N ASP B 186 0.91 1.29 19.50
CA ASP B 186 -0.49 1.31 19.01
C ASP B 186 -1.33 1.97 20.10
N SER B 187 -2.21 2.89 19.74
CA SER B 187 -3.05 3.60 20.73
C SER B 187 -3.99 2.59 21.38
N VAL B 188 -4.56 1.70 20.57
CA VAL B 188 -5.43 0.62 21.09
C VAL B 188 -4.84 -0.69 20.58
N TYR B 189 -4.61 -1.63 21.48
CA TYR B 189 -4.01 -2.93 21.09
C TYR B 189 -5.13 -3.95 20.81
N SER B 190 -4.99 -4.69 19.73
CA SER B 190 -6.00 -5.65 19.32
C SER B 190 -5.94 -6.95 20.11
N THR B 191 -5.08 -7.03 21.13
CA THR B 191 -4.95 -8.24 21.94
C THR B 191 -4.61 -7.85 23.37
N GLY B 192 -5.15 -8.59 24.32
CA GLY B 192 -4.84 -8.36 25.72
C GLY B 192 -5.63 -7.25 26.37
N GLY B 193 -6.49 -6.56 25.64
CA GLY B 193 -7.31 -5.51 26.22
C GLY B 193 -6.52 -4.34 26.78
N THR B 194 -5.33 -4.07 26.25
CA THR B 194 -4.51 -2.98 26.74
C THR B 194 -4.65 -1.74 25.85
N LEU B 195 -4.16 -0.62 26.37
CA LEU B 195 -4.15 0.66 25.69
C LEU B 195 -2.81 1.32 25.92
N ALA B 196 -2.41 2.18 24.99
CA ALA B 196 -1.20 2.96 25.19
C ALA B 196 -1.34 3.76 26.48
N PRO B 197 -0.30 3.80 27.35
CA PRO B 197 -0.37 4.54 28.62
C PRO B 197 -0.16 6.03 28.36
N LEU B 198 -1.21 6.74 27.93
CA LEU B 198 -1.05 8.15 27.50
C LEU B 198 -0.56 9.05 28.64
N GLU B 199 -1.12 8.91 29.84
CA GLU B 199 -0.75 9.83 30.95
C GLU B 199 0.76 9.86 31.13
N GLU B 200 1.38 8.69 31.24
CA GLU B 200 2.85 8.61 31.48
C GLU B 200 3.61 9.05 30.22
N LEU B 201 3.09 8.69 29.04
CA LEU B 201 3.80 9.01 27.78
C LEU B 201 3.80 10.52 27.57
N PHE B 202 2.66 11.18 27.82
CA PHE B 202 2.56 12.64 27.64
C PHE B 202 3.50 13.34 28.64
N ALA B 203 3.64 12.78 29.84
CA ALA B 203 4.52 13.39 30.86
C ALA B 203 5.96 13.29 30.38
N LEU B 204 6.34 12.12 29.86
CA LEU B 204 7.71 11.92 29.34
C LEU B 204 7.92 12.87 28.18
N GLN B 205 6.88 13.10 27.38
CA GLN B 205 6.98 14.08 26.27
C GLN B 205 7.24 15.46 26.86
N LYS B 206 6.47 15.82 27.89
CA LYS B 206 6.69 17.11 28.55
C LYS B 206 8.10 17.20 29.14
N GLU B 207 8.52 16.16 29.86
CA GLU B 207 9.81 16.24 30.56
C GLU B 207 10.99 16.12 29.61
N PHE B 208 10.94 15.20 28.64
CA PHE B 208 12.10 14.90 27.81
C PHE B 208 11.94 15.25 26.33
N GLY B 209 10.75 15.66 25.88
CA GLY B 209 10.54 15.84 24.46
C GLY B 209 10.46 14.55 23.69
N LEU B 210 9.96 13.49 24.34
CA LEU B 210 9.78 12.20 23.71
C LEU B 210 8.84 12.32 22.51
N PHE B 211 9.33 11.93 21.33
CA PHE B 211 8.47 11.90 20.15
C PHE B 211 7.53 10.71 20.23
N LEU B 212 6.25 10.97 20.02
CA LEU B 212 5.23 9.90 20.15
C LEU B 212 4.67 9.53 18.76
N TYR B 213 4.86 8.29 18.34
CA TYR B 213 4.33 7.79 17.04
C TYR B 213 3.27 6.75 17.36
N PHE B 214 2.01 7.00 16.96
CA PHE B 214 0.92 6.09 17.34
C PHE B 214 0.18 5.50 16.14
N ASP B 215 -0.14 4.21 16.21
CA ASP B 215 -0.98 3.56 15.17
C ASP B 215 -2.40 3.60 15.71
N GLU B 216 -3.28 4.36 15.07
CA GLU B 216 -4.65 4.57 15.61
C GLU B 216 -5.66 3.77 14.80
N ALA B 217 -5.23 2.70 14.14
CA ALA B 217 -6.16 2.00 13.24
C ALA B 217 -7.39 1.46 13.96
N HIS B 218 -7.27 1.12 15.24
CA HIS B 218 -8.41 0.63 16.01
C HIS B 218 -8.92 1.69 16.97
N SER B 219 -8.45 2.91 16.81
CA SER B 219 -8.85 4.05 17.62
C SER B 219 -9.68 5.07 16.84
N THR B 220 -9.33 5.33 15.58
CA THR B 220 -10.11 6.24 14.73
C THR B 220 -11.57 5.81 14.70
N SER B 221 -12.46 6.81 14.81
CA SER B 221 -13.92 6.65 14.77
C SER B 221 -14.50 6.07 16.06
N VAL B 222 -13.93 4.96 16.56
CA VAL B 222 -14.51 4.28 17.71
C VAL B 222 -14.41 5.12 18.98
N ILE B 223 -13.38 5.95 19.10
CA ILE B 223 -13.06 6.64 20.34
C ILE B 223 -12.95 8.13 20.08
N GLY B 224 -13.43 8.93 21.02
CA GLY B 224 -13.16 10.35 21.01
C GLY B 224 -14.26 11.16 20.35
N ASP B 225 -14.24 12.46 20.64
CA ASP B 225 -15.17 13.40 20.03
C ASP B 225 -14.91 13.47 18.54
N MET B 226 -15.99 13.42 17.75
CA MET B 226 -15.96 13.35 16.29
C MET B 226 -15.08 12.20 15.78
N GLY B 227 -14.89 11.18 16.62
CA GLY B 227 -14.07 10.04 16.25
C GLY B 227 -12.64 10.38 15.96
N ARG B 228 -12.11 11.45 16.55
CA ARG B 228 -10.71 11.82 16.32
C ARG B 228 -9.73 10.80 16.90
N GLY B 229 -10.18 9.92 17.78
CA GLY B 229 -9.36 8.85 18.29
C GLY B 229 -8.90 9.10 19.72
N TYR B 230 -8.29 8.05 20.28
CA TYR B 230 -7.96 8.05 21.70
C TYR B 230 -6.87 9.07 22.02
N VAL B 231 -5.83 9.16 21.19
CA VAL B 231 -4.74 10.08 21.52
C VAL B 231 -5.18 11.52 21.39
N LEU B 232 -5.83 11.87 20.28
CA LEU B 232 -6.23 13.27 20.10
C LEU B 232 -7.32 13.67 21.08
N ASP B 233 -8.23 12.74 21.44
CA ASP B 233 -9.24 13.06 22.43
C ASP B 233 -8.61 13.50 23.75
N ARG B 234 -7.57 12.79 24.18
CA ARG B 234 -6.90 13.19 25.42
C ARG B 234 -5.99 14.39 25.21
N MET B 235 -5.29 14.46 24.08
CA MET B 235 -4.29 15.49 23.89
C MET B 235 -4.93 16.85 23.60
N GLY B 236 -6.07 16.86 22.92
CA GLY B 236 -6.71 18.10 22.51
C GLY B 236 -6.25 18.58 21.14
N ALA B 237 -5.21 19.41 21.13
CA ALA B 237 -4.56 19.84 19.90
C ALA B 237 -3.24 19.11 19.75
N ILE B 238 -3.02 18.54 18.57
CA ILE B 238 -1.78 17.82 18.30
C ILE B 238 -0.60 18.79 18.41
N ASN B 239 0.54 18.29 18.87
CA ASN B 239 1.74 19.11 18.99
C ASN B 239 2.75 18.68 17.93
N ASP B 240 3.90 19.35 17.92
CA ASP B 240 4.95 19.09 16.93
C ASP B 240 5.83 17.89 17.27
N SER B 241 5.55 17.17 18.36
CA SER B 241 6.31 15.99 18.73
C SER B 241 5.43 14.74 18.76
N THR B 242 4.28 14.80 18.09
CA THR B 242 3.37 13.67 18.00
C THR B 242 2.93 13.49 16.56
N MET B 243 3.03 12.26 16.07
CA MET B 243 2.60 11.92 14.70
C MET B 243 1.72 10.68 14.80
N LEU B 244 0.71 10.59 13.96
CA LEU B 244 -0.22 9.45 14.03
C LEU B 244 -0.38 8.79 12.66
N ILE B 245 -0.49 7.47 12.64
CA ILE B 245 -0.79 6.76 11.37
C ILE B 245 -2.09 5.98 11.66
N THR B 246 -2.93 5.80 10.65
CA THR B 246 -4.20 5.10 10.87
C THR B 246 -4.74 4.49 9.58
N SER B 247 -5.69 3.58 9.71
CA SER B 247 -6.37 3.00 8.53
C SER B 247 -7.75 3.65 8.45
N LEU B 248 -8.27 3.80 7.23
CA LEU B 248 -9.59 4.43 7.03
C LEU B 248 -10.58 3.39 6.50
N ASN B 249 -10.19 2.12 6.50
CA ASN B 249 -11.05 1.04 5.96
C ASN B 249 -11.76 0.30 7.11
N LYS B 250 -11.60 0.78 8.34
CA LYS B 250 -12.19 0.10 9.50
C LYS B 250 -13.40 0.90 9.99
N GLY B 251 -13.24 1.64 11.08
CA GLY B 251 -14.32 2.48 11.61
C GLY B 251 -14.71 3.59 10.68
N PHE B 252 -13.75 4.22 9.99
CA PHE B 252 -14.04 5.41 9.14
C PHE B 252 -14.95 5.01 7.99
N GLY B 253 -14.92 3.77 7.56
CA GLY B 253 -15.88 3.31 6.53
C GLY B 253 -15.48 3.64 5.12
N ALA B 254 -14.20 3.97 4.91
CA ALA B 254 -13.73 4.25 3.54
C ALA B 254 -12.65 3.24 3.18
N SER B 255 -11.59 3.71 2.52
CA SER B 255 -10.49 2.82 2.12
C SER B 255 -9.17 3.57 2.29
N GLY B 256 -8.08 2.83 2.42
CA GLY B 256 -6.75 3.47 2.48
C GLY B 256 -6.31 3.79 3.90
N GLY B 257 -5.29 4.63 4.01
CA GLY B 257 -4.77 5.02 5.31
C GLY B 257 -4.38 6.48 5.31
N ALA B 258 -3.73 6.92 6.38
CA ALA B 258 -3.41 8.35 6.49
C ALA B 258 -2.26 8.61 7.46
N ILE B 259 -1.57 9.72 7.23
CA ILE B 259 -0.51 10.17 8.18
C ILE B 259 -1.01 11.47 8.79
N VAL B 260 -1.15 11.51 10.12
CA VAL B 260 -1.47 12.79 10.79
C VAL B 260 -0.11 13.34 11.16
N PHE B 261 0.38 14.34 10.42
CA PHE B 261 1.77 14.80 10.59
C PHE B 261 2.02 15.71 11.77
N GLY B 262 0.99 16.35 12.31
CA GLY B 262 1.27 17.36 13.28
C GLY B 262 0.33 18.55 13.08
N PRO B 263 0.70 19.75 13.56
CA PRO B 263 -0.13 20.94 13.40
C PRO B 263 -0.57 21.21 11.95
N ARG B 264 -1.79 21.71 11.76
CA ARG B 264 -2.37 21.94 10.41
C ARG B 264 -1.63 23.04 9.65
N ASP B 265 -1.08 24.03 10.33
CA ASP B 265 -0.47 25.18 9.63
C ASP B 265 1.06 25.04 9.56
N ASP B 266 1.59 23.86 9.89
CA ASP B 266 3.05 23.63 9.73
C ASP B 266 3.23 22.60 8.61
N ASP B 267 3.90 22.98 7.54
CA ASP B 267 4.02 22.10 6.34
C ASP B 267 5.38 21.39 6.33
N ARG B 268 6.21 21.64 7.33
CA ARG B 268 7.59 21.07 7.32
C ARG B 268 7.55 19.55 7.27
N LYS B 269 6.75 18.92 8.13
CA LYS B 269 6.74 17.44 8.19
C LYS B 269 6.16 16.87 6.90
N ARG B 270 5.06 17.45 6.40
CA ARG B 270 4.54 16.97 5.12
C ARG B 270 5.59 17.13 4.03
N LYS B 271 6.19 18.31 3.93
CA LYS B 271 7.28 18.57 3.00
C LYS B 271 8.35 17.49 3.08
N ILE B 272 8.83 17.23 4.30
CA ILE B 272 9.96 16.33 4.49
C ILE B 272 9.61 14.91 4.01
N ILE B 273 8.45 14.41 4.44
CA ILE B 273 8.07 13.05 4.07
C ILE B 273 7.68 12.98 2.61
N GLN B 274 6.94 13.98 2.11
CA GLN B 274 6.55 14.01 0.70
C GLN B 274 7.77 14.02 -0.20
N ARG B 275 8.88 14.61 0.26
CA ARG B 275 10.08 14.69 -0.57
C ARG B 275 11.07 13.55 -0.32
N SER B 276 10.77 12.67 0.63
CA SER B 276 11.55 11.46 0.88
C SER B 276 11.14 10.35 -0.08
N SER B 277 12.03 9.38 -0.26
CA SER B 277 11.82 8.35 -1.28
C SER B 277 11.11 7.16 -0.64
N GLY B 278 9.81 7.32 -0.47
CA GLY B 278 8.97 6.29 0.08
C GLY B 278 7.58 6.34 -0.50
N PRO B 279 6.68 5.51 0.05
CA PRO B 279 5.32 5.36 -0.54
C PRO B 279 4.54 6.65 -0.74
N LEU B 280 4.78 7.70 0.05
CA LEU B 280 4.02 8.92 -0.18
C LEU B 280 4.43 9.60 -1.48
N MET B 281 5.69 9.42 -1.89
CA MET B 281 6.17 9.91 -3.19
C MET B 281 5.84 8.97 -4.35
N TRP B 282 6.14 7.68 -4.22
CA TRP B 282 6.01 6.79 -5.42
C TRP B 282 5.00 5.65 -5.31
N SER B 283 4.09 5.66 -4.34
CA SER B 283 3.05 4.60 -4.33
C SER B 283 1.69 5.23 -4.69
N GLN B 284 0.90 4.53 -5.49
CA GLN B 284 -0.35 5.10 -6.02
C GLN B 284 -1.24 5.73 -4.95
N ARG B 285 -1.88 6.83 -5.31
CA ARG B 285 -2.82 7.51 -4.40
C ARG B 285 -4.12 6.73 -4.38
N LEU B 286 -4.97 7.01 -3.40
CA LEU B 286 -6.28 6.37 -3.34
C LEU B 286 -7.10 6.72 -4.58
N ASN B 287 -7.88 5.75 -5.09
CA ASN B 287 -8.72 5.98 -6.26
C ASN B 287 -9.92 6.85 -5.88
N THR B 288 -10.62 7.37 -6.91
CA THR B 288 -11.62 8.43 -6.64
C THR B 288 -12.83 7.94 -5.85
N PRO B 289 -13.31 6.69 -6.01
CA PRO B 289 -14.37 6.22 -5.10
C PRO B 289 -13.96 6.29 -3.65
N ALA B 290 -12.73 5.85 -3.35
CA ALA B 290 -12.26 5.91 -1.98
C ALA B 290 -12.20 7.35 -1.48
N LEU B 291 -11.74 8.28 -2.33
CA LEU B 291 -11.64 9.67 -1.89
C LEU B 291 -13.02 10.29 -1.69
N GLY B 292 -13.99 9.93 -2.52
CA GLY B 292 -15.37 10.33 -2.26
C GLY B 292 -15.90 9.79 -0.94
N ALA B 293 -15.68 8.50 -0.68
CA ALA B 293 -16.06 7.91 0.60
C ALA B 293 -15.45 8.67 1.76
N ILE B 294 -14.17 9.02 1.65
CA ILE B 294 -13.51 9.74 2.74
C ILE B 294 -14.21 11.05 3.02
N ILE B 295 -14.53 11.80 1.95
CA ILE B 295 -15.16 13.11 2.13
C ILE B 295 -16.51 12.99 2.82
N GLU B 296 -17.34 12.04 2.41
CA GLU B 296 -18.65 11.87 3.01
C GLU B 296 -18.56 11.36 4.45
N SER B 297 -17.65 10.40 4.69
CA SER B 297 -17.44 9.90 6.05
C SER B 297 -16.97 11.01 6.97
N ALA B 298 -16.09 11.89 6.49
CA ALA B 298 -15.63 13.00 7.30
C ALA B 298 -16.79 13.92 7.69
N LYS B 299 -17.65 14.25 6.72
CA LYS B 299 -18.82 15.08 7.05
C LYS B 299 -19.68 14.39 8.10
N LEU B 300 -19.87 13.08 7.93
CA LEU B 300 -20.66 12.30 8.89
C LEU B 300 -20.00 12.31 10.27
N HIS B 301 -18.67 12.17 10.32
CA HIS B 301 -17.97 12.23 11.60
C HIS B 301 -18.12 13.58 12.27
N ARG B 302 -18.32 14.64 11.49
CA ARG B 302 -18.50 15.97 12.05
C ARG B 302 -19.94 16.25 12.44
N SER B 303 -20.84 15.30 12.27
CA SER B 303 -22.26 15.54 12.48
C SER B 303 -22.76 14.77 13.71
N GLU B 304 -24.06 14.93 13.96
CA GLU B 304 -24.71 14.26 15.08
C GLU B 304 -24.85 12.75 14.86
N ALA B 305 -24.50 12.24 13.68
CA ALA B 305 -24.59 10.78 13.48
C ALA B 305 -23.48 10.03 14.22
N LEU B 306 -22.32 10.65 14.40
CA LEU B 306 -21.17 9.94 15.03
C LEU B 306 -21.45 9.68 16.51
N PRO B 307 -21.88 10.68 17.31
CA PRO B 307 -22.22 10.42 18.70
C PRO B 307 -23.24 9.28 18.82
N GLU B 308 -24.22 9.26 17.92
CA GLU B 308 -25.28 8.23 17.99
C GLU B 308 -24.64 6.87 17.74
N LEU B 309 -23.74 6.80 16.76
CA LEU B 309 -23.12 5.50 16.41
C LEU B 309 -22.18 5.09 17.54
N GLN B 310 -21.46 6.04 18.14
CA GLN B 310 -20.63 5.67 19.28
C GLN B 310 -21.48 5.21 20.46
N ALA B 311 -22.64 5.87 20.64
CA ALA B 311 -23.58 5.45 21.68
C ALA B 311 -24.05 4.02 21.47
N LYS B 312 -24.60 3.72 20.28
CA LYS B 312 -25.04 2.35 20.00
C LYS B 312 -23.89 1.35 20.14
N LEU B 313 -22.65 1.79 19.87
CA LEU B 313 -21.51 0.89 20.02
C LEU B 313 -21.19 0.63 21.49
N HIS B 314 -21.22 1.69 22.30
CA HIS B 314 -20.92 1.52 23.75
C HIS B 314 -22.02 0.68 24.40
N SER B 315 -23.26 0.84 23.94
CA SER B 315 -24.37 0.01 24.45
C SER B 315 -24.13 -1.45 24.10
N ASN B 316 -23.83 -1.71 22.83
CA ASN B 316 -23.67 -3.12 22.37
C ASN B 316 -22.48 -3.75 23.09
N ILE B 317 -21.51 -2.94 23.52
CA ILE B 317 -20.36 -3.48 24.29
C ILE B 317 -20.86 -3.87 25.67
N ALA B 318 -21.60 -2.97 26.31
CA ALA B 318 -22.12 -3.29 27.64
C ALA B 318 -23.02 -4.51 27.61
N LEU B 319 -23.89 -4.62 26.61
CA LEU B 319 -24.71 -5.81 26.45
C LEU B 319 -23.85 -7.06 26.32
N PHE B 320 -22.78 -6.99 25.52
CA PHE B 320 -21.88 -8.12 25.36
C PHE B 320 -21.14 -8.42 26.67
N ASP B 321 -20.65 -7.39 27.34
CA ASP B 321 -19.93 -7.60 28.58
C ASP B 321 -20.82 -8.20 29.66
N GLY B 322 -22.13 -7.96 29.58
CA GLY B 322 -23.04 -8.51 30.56
C GLY B 322 -23.44 -9.95 30.33
N LEU B 323 -23.06 -10.51 29.18
CA LEU B 323 -23.46 -11.86 28.84
C LEU B 323 -22.31 -12.80 28.49
N VAL B 324 -21.08 -12.30 28.32
CA VAL B 324 -19.93 -13.11 27.95
C VAL B 324 -18.67 -12.47 28.54
N ARG B 325 -17.85 -13.29 29.20
CA ARG B 325 -16.57 -12.80 29.69
C ARG B 325 -15.50 -12.95 28.61
N ALA B 326 -14.58 -11.99 28.55
CA ALA B 326 -13.55 -11.97 27.53
C ALA B 326 -12.45 -11.02 27.95
N ALA B 327 -11.28 -11.18 27.35
CA ALA B 327 -10.16 -10.30 27.64
C ALA B 327 -10.53 -8.86 27.30
N GLY B 328 -10.60 -8.02 28.31
CA GLY B 328 -11.22 -6.72 28.18
C GLY B 328 -12.66 -6.80 28.62
N GLN B 329 -13.01 -6.12 29.70
CA GLN B 329 -14.40 -6.03 30.12
C GLN B 329 -14.57 -4.67 30.77
N GLY B 330 -15.44 -3.85 30.19
CA GLY B 330 -15.61 -2.50 30.67
C GLY B 330 -14.47 -1.56 30.32
N ASN B 331 -13.71 -1.85 29.26
CA ASN B 331 -12.70 -0.90 28.80
C ASN B 331 -13.22 0.04 27.73
N SER B 332 -14.42 -0.20 27.20
CA SER B 332 -15.04 0.60 26.14
C SER B 332 -14.29 0.53 24.81
N VAL B 333 -13.43 -0.47 24.64
CA VAL B 333 -12.79 -0.76 23.35
C VAL B 333 -13.54 -1.94 22.73
N PRO B 334 -13.99 -1.83 21.48
CA PRO B 334 -14.88 -2.86 20.92
C PRO B 334 -14.20 -4.15 20.49
N ILE B 335 -13.12 -4.53 21.14
CA ILE B 335 -12.40 -5.77 20.84
C ILE B 335 -12.45 -6.65 22.07
N ARG B 336 -12.97 -7.87 21.91
CA ARG B 336 -13.04 -8.84 22.99
C ARG B 336 -12.32 -10.11 22.55
N TYR B 337 -11.37 -10.55 23.35
CA TYR B 337 -10.56 -11.73 23.03
C TYR B 337 -11.04 -12.89 23.90
N LEU B 338 -11.62 -13.91 23.27
CA LEU B 338 -12.12 -15.10 23.95
C LEU B 338 -10.99 -16.13 24.10
N GLU B 339 -10.20 -15.95 25.16
CA GLU B 339 -9.09 -16.85 25.47
C GLU B 339 -9.55 -18.30 25.61
N LEU B 340 -8.97 -19.18 24.79
CA LEU B 340 -9.19 -20.62 24.93
C LEU B 340 -7.91 -21.39 25.23
N GLY B 341 -6.74 -20.77 25.05
CA GLY B 341 -5.48 -21.39 25.43
C GLY B 341 -5.13 -22.68 24.72
N SER B 342 -5.74 -22.95 23.57
CA SER B 342 -5.51 -24.23 22.89
C SER B 342 -5.80 -24.03 21.41
N GLU B 343 -4.77 -24.24 20.59
CA GLU B 343 -4.93 -24.05 19.14
C GLU B 343 -6.07 -24.92 18.61
N VAL B 344 -6.06 -26.21 18.93
CA VAL B 344 -7.07 -27.12 18.40
C VAL B 344 -8.46 -26.72 18.85
N ASP B 345 -8.58 -26.23 20.09
CA ASP B 345 -9.89 -25.88 20.60
C ASP B 345 -10.42 -24.59 20.00
N THR B 346 -9.54 -23.64 19.70
CA THR B 346 -9.98 -22.39 19.09
C THR B 346 -10.53 -22.64 17.70
N LEU B 347 -9.88 -23.50 16.91
CA LEU B 347 -10.39 -23.82 15.58
C LEU B 347 -11.71 -24.58 15.66
N GLU B 348 -11.82 -25.51 16.62
CA GLU B 348 -13.08 -26.23 16.79
C GLU B 348 -14.18 -25.30 17.23
N ALA B 349 -13.89 -24.40 18.17
CA ALA B 349 -14.86 -23.38 18.56
C ALA B 349 -15.32 -22.57 17.35
N SER B 350 -14.36 -22.02 16.59
CA SER B 350 -14.69 -21.21 15.43
C SER B 350 -15.56 -21.98 14.45
N ALA B 351 -15.21 -23.24 14.17
CA ALA B 351 -15.99 -24.03 13.23
C ALA B 351 -17.39 -24.28 13.76
N TYR B 352 -17.53 -24.40 15.07
CA TYR B 352 -18.86 -24.64 15.68
C TYR B 352 -19.73 -23.40 15.53
N LEU B 353 -19.23 -22.26 16.04
CA LEU B 353 -20.01 -21.00 15.99
C LEU B 353 -20.41 -20.67 14.56
N PHE B 354 -19.54 -20.93 13.60
CA PHE B 354 -19.82 -20.59 12.19
C PHE B 354 -20.98 -21.46 11.69
N ASP B 355 -20.99 -22.73 12.09
CA ASP B 355 -22.10 -23.63 11.70
C ASP B 355 -23.36 -23.14 12.38
N ASN B 356 -23.21 -22.40 13.48
CA ASN B 356 -24.38 -21.91 14.24
C ASN B 356 -24.74 -20.49 13.77
N GLY B 357 -24.04 -19.96 12.76
CA GLY B 357 -24.39 -18.64 12.21
C GLY B 357 -23.60 -17.50 12.80
N PHE B 358 -22.44 -17.78 13.39
CA PHE B 358 -21.60 -16.68 13.92
C PHE B 358 -20.14 -16.93 13.53
N TYR B 359 -19.53 -16.01 12.78
CA TYR B 359 -18.09 -16.15 12.45
C TYR B 359 -17.26 -15.34 13.45
N VAL B 360 -16.33 -16.02 14.11
CA VAL B 360 -15.39 -15.29 15.00
C VAL B 360 -14.00 -15.71 14.55
N GLU B 361 -13.17 -14.75 14.13
CA GLU B 361 -11.85 -15.09 13.57
C GLU B 361 -11.02 -15.91 14.57
N PRO B 362 -10.44 -17.04 14.15
CA PRO B 362 -9.60 -17.84 15.02
C PRO B 362 -8.14 -17.36 15.05
N ASP B 363 -7.66 -16.94 16.22
CA ASP B 363 -6.24 -16.53 16.34
C ASP B 363 -5.41 -17.71 16.85
N PHE B 364 -4.41 -18.14 16.08
CA PHE B 364 -3.53 -19.25 16.48
C PHE B 364 -2.10 -18.90 16.09
N PHE B 365 -1.13 -19.67 16.58
CA PHE B 365 0.29 -19.45 16.19
C PHE B 365 0.44 -19.69 14.69
N PRO B 366 1.00 -18.74 13.92
CA PRO B 366 1.88 -17.72 14.45
C PRO B 366 1.22 -16.37 14.76
N ILE B 367 -0.09 -16.24 14.57
CA ILE B 367 -0.80 -14.94 14.79
C ILE B 367 -0.63 -14.56 16.26
N VAL B 368 -0.84 -15.54 17.15
CA VAL B 368 -0.66 -15.30 18.61
C VAL B 368 0.34 -16.34 19.13
N SER B 369 0.84 -16.15 20.35
CA SER B 369 1.83 -17.08 20.94
C SER B 369 1.20 -18.46 21.14
N ARG B 370 2.03 -19.49 21.21
CA ARG B 370 1.50 -20.87 21.35
C ARG B 370 0.74 -20.99 22.66
N GLY B 371 -0.30 -21.83 22.68
CA GLY B 371 -1.08 -22.04 23.92
C GLY B 371 -1.87 -20.82 24.34
N ALA B 372 -1.83 -19.75 23.54
CA ALA B 372 -2.58 -18.52 23.86
C ALA B 372 -3.66 -18.28 22.80
N ALA B 373 -4.17 -19.36 22.21
CA ALA B 373 -5.17 -19.25 21.15
C ALA B 373 -6.49 -18.71 21.71
N GLY B 374 -7.18 -17.90 20.91
CA GLY B 374 -8.50 -17.38 21.33
C GLY B 374 -9.30 -16.91 20.13
N LEU B 375 -10.57 -16.57 20.36
CA LEU B 375 -11.42 -16.04 19.28
C LEU B 375 -11.50 -14.52 19.45
N ARG B 376 -11.15 -13.77 18.42
CA ARG B 376 -11.16 -12.29 18.49
C ARG B 376 -12.50 -11.76 18.01
N ALA B 377 -13.29 -11.24 18.95
CA ALA B 377 -14.61 -10.69 18.58
C ALA B 377 -14.52 -9.17 18.56
N ARG B 378 -15.17 -8.56 17.58
CA ARG B 378 -15.18 -7.10 17.48
C ARG B 378 -16.63 -6.64 17.52
N ILE B 379 -16.93 -5.73 18.43
CA ILE B 379 -18.29 -5.22 18.59
C ILE B 379 -18.49 -4.08 17.61
N ARG B 380 -19.59 -4.12 16.86
CA ARG B 380 -19.96 -3.06 15.93
C ARG B 380 -21.23 -2.36 16.42
N SER B 381 -21.35 -1.08 16.10
CA SER B 381 -22.62 -0.43 16.38
C SER B 381 -23.75 -0.98 15.49
N SER B 382 -23.37 -1.72 14.45
CA SER B 382 -24.35 -2.28 13.49
C SER B 382 -24.86 -3.64 13.94
N MET B 383 -24.44 -4.10 15.11
CA MET B 383 -24.96 -5.39 15.64
C MET B 383 -26.31 -5.13 16.32
N SER B 384 -27.24 -6.09 16.25
CA SER B 384 -28.53 -5.96 16.95
C SER B 384 -28.39 -6.48 18.37
N THR B 385 -29.28 -6.06 19.27
CA THR B 385 -29.28 -6.62 20.64
C THR B 385 -29.53 -8.11 20.50
N ALA B 386 -30.29 -8.48 19.48
CA ALA B 386 -30.57 -9.91 19.22
C ALA B 386 -29.29 -10.61 18.76
N ASP B 387 -28.64 -10.09 17.72
CA ASP B 387 -27.38 -10.73 17.33
C ASP B 387 -26.48 -11.00 18.53
N ILE B 388 -26.32 -10.03 19.42
CA ILE B 388 -25.43 -10.19 20.57
C ILE B 388 -25.96 -11.24 21.55
N GLU B 389 -27.26 -11.17 21.88
CA GLU B 389 -27.83 -12.14 22.80
C GLU B 389 -27.88 -13.54 22.18
N GLN B 390 -28.29 -13.63 20.91
CA GLN B 390 -28.30 -14.92 20.22
C GLN B 390 -26.92 -15.54 20.15
N PHE B 391 -25.87 -14.72 20.13
CA PHE B 391 -24.50 -15.27 20.10
C PHE B 391 -24.06 -15.76 21.48
N ALA B 392 -24.29 -14.95 22.53
CA ALA B 392 -23.95 -15.39 23.88
C ALA B 392 -24.64 -16.72 24.20
N HIS B 393 -25.84 -16.92 23.65
CA HIS B 393 -26.52 -18.20 23.78
C HIS B 393 -25.65 -19.34 23.23
N VAL B 394 -25.25 -19.22 21.96
CA VAL B 394 -24.51 -20.30 21.32
C VAL B 394 -23.13 -20.49 21.95
N TRP B 395 -22.53 -19.40 22.46
CA TRP B 395 -21.21 -19.51 23.08
C TRP B 395 -21.24 -20.34 24.35
N HIS B 396 -22.27 -20.18 25.17
CA HIS B 396 -22.33 -20.91 26.43
C HIS B 396 -22.66 -22.39 26.18
N LYS B 397 -23.50 -22.66 25.17
CA LYS B 397 -23.77 -24.03 24.76
C LYS B 397 -22.50 -24.81 24.44
N LEU B 398 -21.40 -24.11 24.12
CA LEU B 398 -20.13 -24.78 23.92
C LEU B 398 -19.53 -25.25 25.24
N GLY B 399 -19.90 -24.56 26.32
CA GLY B 399 -19.45 -24.99 27.66
C GLY B 399 -17.96 -24.76 27.87
N VAL B 400 -17.43 -23.63 27.39
CA VAL B 400 -16.01 -23.31 27.67
C VAL B 400 -15.96 -22.47 28.94
N ASP B 401 -15.78 -23.13 30.10
CA ASP B 401 -15.68 -22.40 31.39
C ASP B 401 -16.94 -21.54 31.56
N1 PGU C . 7.44 -0.32 -9.66
C2 PGU C . 7.84 0.62 -10.52
C2A PGU C . 8.82 0.22 -11.62
C3 PGU C . 7.35 1.92 -10.38
O3 PGU C . 7.77 2.92 -11.27
C4 PGU C . 6.49 2.20 -9.37
C4A PGU C . 5.90 3.61 -9.16
C5 PGU C . 6.09 1.23 -8.49
C6 PGU C . 6.58 -0.05 -8.66
C5A PGU C . 5.12 1.50 -7.35
O4P PGU C . 3.84 1.24 -7.84
P PGU C . 2.52 1.34 -6.87
O1P PGU C . 1.89 2.70 -7.00
O2P PGU C . 1.51 0.32 -7.30
O3P PGU C . 2.91 1.12 -5.45
N PGU C . 6.43 4.57 -10.11
CA PGU C . 5.36 5.48 -10.44
CB PGU C . 4.98 6.37 -9.25
CG PGU C . 3.47 6.24 -9.33
CD PGU C . 2.64 7.04 -8.34
OE1 PGU C . 3.13 7.55 -7.30
OE2 PGU C . 1.41 7.18 -8.62
C PGU C . 5.76 6.31 -11.67
O PGU C . 5.66 5.75 -12.78
OXT PGU C . 6.20 7.49 -11.61
N1 PLP D . -2.35 -1.17 12.05
C2 PLP D . -3.15 -1.98 12.82
C2A PLP D . -3.16 -1.77 14.31
C3 PLP D . -3.93 -2.97 12.21
O3 PLP D . -4.75 -3.79 12.94
C4 PLP D . -3.89 -3.14 10.84
C4A PLP D . -4.81 -4.14 10.18
O4A PLP D . -4.67 -5.36 10.32
C5 PLP D . -3.07 -2.32 10.07
C6 PLP D . -2.30 -1.34 10.68
C5A PLP D . -3.03 -2.49 8.57
O4P PLP D . -3.62 -1.36 7.95
P PLP D . -3.82 -1.33 6.36
O1P PLP D . -4.51 -0.02 6.05
O2P PLP D . -2.49 -1.42 5.65
O3P PLP D . -4.67 -2.48 5.86
#